data_9KLK
#
_entry.id   9KLK
#
_cell.length_a   1.00
_cell.length_b   1.00
_cell.length_c   1.00
_cell.angle_alpha   90.00
_cell.angle_beta   90.00
_cell.angle_gamma   90.00
#
_symmetry.space_group_name_H-M   'P 1'
#
loop_
_entity.id
_entity.type
_entity.pdbx_description
1 polymer 'SKP1-like protein 1A'
2 polymer 'Hyposensitive to light 7'
3 polymer 'F-box protein'
4 non-polymer (3E,3aR,8bS)-3-({[(2R)-4-methyl-5-oxo-2,5-dihydrofuran-2-yl]oxy}methylidene)-3,3a,4,8b-tetrahydro-2H-indeno[1,2-b]furan-2-one
#
loop_
_entity_poly.entity_id
_entity_poly.type
_entity_poly.pdbx_seq_one_letter_code
_entity_poly.pdbx_strand_id
1 'polypeptide(L)'
;MSAKKIVLKSSDGESFEVEEAVALESQTIAHMVEDDCVDNGVPLPNVTSKILAKVIEYCKRHVEAAASKAEAVEGAATSD
DDLKAWDADFMKIDQATLFELILAANYLNIKNLLDLTCQTVADMIKGKTPEEIRTTFNIKNDFTPEEEEEVRRENQWAFE
;
B
2 'polypeptide(L)'
;MKHHHHHHHGAAGTSLYKKAGENLYFQGSMSSIGLAHNVTILGSGETTVVLGHGYGTDQSVWKLLVPYLVDDYKVLLYDH
MGAGTTNPDYFDFDRYSSLEGYSYDLIAILEEFQVSKCIYVGHSMSSMAAAVASIFRPDLFHKLVMISPTPRLINTEEYY
GGFEQKVMDETLRSLDENFKSLSLGTAPLLLACDLESAAMQEYCRTLFNMRPDIACCITRMICGLDLRPYLGHVTVPCHI
IQSSNDIMVPVAVGEYLRKNLGGPSVVEVMPTEGHLPHLSMPEVTIPVVLRHIRQDITDH
;
A
3 'polypeptide(L)'
;MHHHHHHHHHSSGWSHPQFEKGGGSGGGSLEVLFQGPLTPKTNYIPFPSPIHQTPFQTDLAPMAAAAAAATTALNDLPDV
ILSNIMAGVSDVRSRNSASLVCHKWYLLERATRSALTLRGNIRDLFMLPTCFQSTSHLDLSLISPWGHPLTSAADPDSAL
IGHLLRHAFPSVTSLAIYARDPSTIHIVVPQWPDLERLKLVRWHQRPQTDAAGDELKLLISECGTLKSLDLSSFYCWTDD
VPAALGSCPTFAANLKSLNLLNSSFSEGFKSDEIKAITKACPNLREFRASCMFDPRYIGHAGDEALVSISVNCPKLEILH
LADTNALSSARSDFDPDEREGLGQEEAKINAATLIEVFSGLPLLEELALDLCNNVRDSGPALEVLNSKCPKLKSVKLGQF
HGISLPVESKLDGIALCQGLESLSIRNVDDLTDMGLIAIGRGCYRLAKFEVYGCKKITVRGMRTMASLLRKTLVDVKIAA
CKKLGAVQSLKALEPIQDRVERLHIDCDWDCPDEEEPSDYFDSAAEYNECDDEMYSVRKRARYTYDLNSSSSGLDVNVEG
YDEDKTWARLRYVSLWIFVGQLLTPLVAAGLNDCPELEEISIKVEGDCRVLSRPTVREFGLTTLLNYPKLSRMHLDCGDI
NGYAHTAPSGQMDLSLWERFYLIGVGHLGLTELNYWPPQDRDVNQRSLSLPAAGLLQECNRLRKLFIHGTAHEHFMMFFL
RIEGLRDVQLRADYYPAPENDMSTEMRADSCSRFEVALNRRQISDSSGSSG
;
C
#
loop_
_chem_comp.id
_chem_comp.type
_chem_comp.name
_chem_comp.formula
GR2 non-polymer (3E,3aR,8bS)-3-({[(2R)-4-methyl-5-oxo-2,5-dihydrofuran-2-yl]oxy}methylidene)-3,3a,4,8b-tetrahydro-2H-indeno[1,2-b]furan-2-one 'C17 H14 O5'
#
# COMPACT_ATOMS: atom_id res chain seq x y z
N ILE A 6 -54.77 -23.39 13.89
CA ILE A 6 -53.87 -24.49 13.61
C ILE A 6 -53.10 -24.87 14.89
N VAL A 7 -53.06 -26.16 15.19
CA VAL A 7 -52.36 -26.69 16.36
C VAL A 7 -51.47 -27.84 15.89
N LEU A 8 -50.23 -27.87 16.37
CA LEU A 8 -49.25 -28.86 15.94
C LEU A 8 -48.93 -29.84 17.06
N LYS A 9 -48.25 -30.93 16.69
CA LYS A 9 -47.88 -31.99 17.61
C LYS A 9 -46.46 -32.44 17.30
N SER A 10 -45.74 -32.85 18.34
CA SER A 10 -44.34 -33.21 18.20
C SER A 10 -44.17 -34.70 17.91
N SER A 11 -42.92 -35.15 17.93
CA SER A 11 -42.65 -36.57 17.72
C SER A 11 -43.01 -37.40 18.95
N ASP A 12 -42.65 -36.92 20.14
CA ASP A 12 -42.93 -37.66 21.37
C ASP A 12 -44.40 -37.63 21.75
N GLY A 13 -45.21 -36.78 21.10
CA GLY A 13 -46.62 -36.67 21.42
C GLY A 13 -47.06 -35.33 21.97
N GLU A 14 -46.16 -34.38 22.17
CA GLU A 14 -46.55 -33.08 22.71
C GLU A 14 -47.21 -32.23 21.62
N SER A 15 -48.34 -31.63 21.96
CA SER A 15 -49.14 -30.85 21.02
C SER A 15 -48.99 -29.37 21.31
N PHE A 16 -48.73 -28.58 20.27
CA PHE A 16 -48.49 -27.15 20.41
C PHE A 16 -49.28 -26.37 19.38
N GLU A 17 -49.91 -25.29 19.80
CA GLU A 17 -50.64 -24.42 18.88
C GLU A 17 -49.68 -23.60 18.04
N VAL A 18 -50.16 -23.13 16.90
CA VAL A 18 -49.36 -22.29 16.01
C VAL A 18 -50.25 -21.20 15.42
N GLU A 19 -49.72 -19.98 15.38
CA GLU A 19 -50.38 -18.88 14.69
C GLU A 19 -50.35 -19.10 13.18
N GLU A 20 -51.40 -18.66 12.50
CA GLU A 20 -51.54 -18.87 11.06
C GLU A 20 -50.69 -17.87 10.30
N ALA A 21 -50.91 -17.76 8.98
CA ALA A 21 -50.13 -16.89 8.11
C ALA A 21 -48.62 -17.12 8.25
N VAL A 22 -48.09 -16.89 9.45
CA VAL A 22 -46.70 -17.16 9.79
C VAL A 22 -46.27 -18.52 9.24
N ALA A 23 -47.15 -19.51 9.33
CA ALA A 23 -46.85 -20.85 8.84
C ALA A 23 -46.57 -20.89 7.34
N LEU A 24 -47.04 -19.90 6.58
CA LEU A 24 -46.72 -19.87 5.16
C LEU A 24 -45.25 -19.54 4.89
N GLU A 25 -44.51 -19.13 5.93
CA GLU A 25 -43.08 -18.84 5.79
C GLU A 25 -42.34 -20.06 5.26
N SER A 26 -42.52 -21.20 5.93
CA SER A 26 -41.96 -22.45 5.44
C SER A 26 -42.55 -22.78 4.07
N GLN A 27 -41.70 -22.84 3.05
CA GLN A 27 -42.20 -23.17 1.71
C GLN A 27 -42.69 -24.60 1.64
N THR A 28 -42.10 -25.49 2.44
CA THR A 28 -42.61 -26.87 2.50
C THR A 28 -44.00 -26.90 3.11
N ILE A 29 -44.20 -26.18 4.22
CA ILE A 29 -45.50 -26.13 4.88
C ILE A 29 -46.52 -25.45 3.99
N ALA A 30 -46.19 -24.27 3.47
CA ALA A 30 -47.09 -23.51 2.62
C ALA A 30 -47.46 -24.34 1.40
N HIS A 31 -46.48 -25.05 0.85
CA HIS A 31 -46.66 -25.95 -0.28
C HIS A 31 -47.60 -27.10 0.07
N MET A 32 -47.47 -27.64 1.28
CA MET A 32 -48.35 -28.73 1.71
C MET A 32 -48.91 -28.49 3.12
N GLY A 41 -53.46 -32.50 13.26
CA GLY A 41 -53.29 -31.98 11.91
C GLY A 41 -51.88 -31.48 11.64
N VAL A 42 -51.61 -31.19 10.37
CA VAL A 42 -50.27 -30.81 9.91
C VAL A 42 -49.28 -31.85 10.42
N PRO A 43 -49.28 -33.04 9.87
CA PRO A 43 -48.72 -34.21 10.57
C PRO A 43 -47.19 -34.26 10.65
N LEU A 44 -46.51 -33.13 10.42
CA LEU A 44 -45.05 -33.06 10.44
C LEU A 44 -44.45 -33.78 11.66
N PRO A 45 -43.65 -34.83 11.45
CA PRO A 45 -43.24 -35.69 12.57
C PRO A 45 -41.87 -35.36 13.16
N ASN A 46 -41.16 -34.42 12.55
CA ASN A 46 -39.76 -34.26 12.88
C ASN A 46 -39.50 -33.21 13.95
N VAL A 47 -40.01 -32.01 13.76
CA VAL A 47 -39.84 -30.98 14.79
C VAL A 47 -40.38 -31.49 16.11
N THR A 48 -39.57 -31.39 17.17
CA THR A 48 -39.93 -32.00 18.45
C THR A 48 -40.05 -30.93 19.51
N SER A 49 -41.30 -30.55 19.80
CA SER A 49 -41.65 -29.64 20.90
C SER A 49 -40.91 -28.32 20.78
N LYS A 50 -39.94 -28.12 21.68
CA LYS A 50 -39.14 -26.89 21.73
C LYS A 50 -38.69 -26.43 20.37
N ILE A 51 -38.31 -27.37 19.49
CA ILE A 51 -37.84 -27.00 18.16
C ILE A 51 -38.95 -26.28 17.39
N LEU A 52 -40.14 -26.90 17.34
CA LEU A 52 -41.26 -26.30 16.64
C LEU A 52 -41.67 -24.99 17.29
N ALA A 53 -41.65 -24.94 18.62
CA ALA A 53 -42.00 -23.73 19.35
C ALA A 53 -41.09 -22.59 18.94
N LYS A 54 -39.78 -22.85 18.97
CA LYS A 54 -38.80 -21.83 18.61
C LYS A 54 -38.95 -21.42 17.14
N VAL A 55 -39.14 -22.38 16.25
CA VAL A 55 -39.24 -22.10 14.83
C VAL A 55 -40.44 -21.20 14.55
N ILE A 56 -41.59 -21.57 15.11
CA ILE A 56 -42.81 -20.80 14.88
C ILE A 56 -42.70 -19.42 15.52
N GLU A 57 -42.16 -19.35 16.74
CA GLU A 57 -41.99 -18.09 17.45
C GLU A 57 -41.05 -17.16 16.69
N TYR A 58 -40.01 -17.73 16.10
CA TYR A 58 -39.04 -16.97 15.33
C TYR A 58 -39.66 -16.44 14.05
N CYS A 59 -40.35 -17.30 13.30
CA CYS A 59 -41.03 -16.83 12.11
C CYS A 59 -42.11 -15.80 12.44
N LYS A 60 -42.65 -15.85 13.66
CA LYS A 60 -43.60 -14.83 14.10
C LYS A 60 -42.95 -13.47 14.18
N ARG A 61 -41.79 -13.39 14.84
CA ARG A 61 -41.02 -12.14 14.86
C ARG A 61 -40.69 -11.72 13.45
N HIS A 62 -40.47 -12.69 12.57
CA HIS A 62 -40.18 -12.37 11.18
C HIS A 62 -41.46 -12.17 10.36
N VAL A 63 -42.38 -11.36 10.86
CA VAL A 63 -43.51 -10.86 10.08
C VAL A 63 -43.62 -9.36 10.24
N GLU A 64 -43.04 -8.83 11.31
CA GLU A 64 -43.13 -7.40 11.60
C GLU A 64 -42.00 -6.62 10.93
N ASP A 82 -33.36 -4.62 18.34
CA ASP A 82 -33.61 -6.05 18.25
C ASP A 82 -33.96 -6.46 16.82
N LEU A 83 -33.71 -5.55 15.87
CA LEU A 83 -33.86 -5.84 14.45
C LEU A 83 -33.08 -7.11 14.13
N LYS A 84 -31.84 -7.15 14.61
CA LYS A 84 -31.04 -8.36 14.62
C LYS A 84 -30.54 -8.72 16.01
N ALA A 85 -30.71 -7.84 17.01
CA ALA A 85 -30.30 -8.16 18.36
C ALA A 85 -31.18 -9.20 19.02
N TRP A 86 -32.45 -9.30 18.62
CA TRP A 86 -33.28 -10.44 19.00
C TRP A 86 -32.89 -11.70 18.25
N ASP A 87 -32.45 -11.57 17.01
CA ASP A 87 -31.98 -12.70 16.22
C ASP A 87 -30.67 -13.27 16.73
N ALA A 88 -29.84 -12.44 17.36
CA ALA A 88 -28.57 -12.90 17.92
C ALA A 88 -28.80 -13.53 19.30
N ASP A 89 -29.59 -12.88 20.15
CA ASP A 89 -29.97 -13.46 21.43
C ASP A 89 -30.70 -14.78 21.24
N PHE A 90 -31.50 -14.86 20.18
CA PHE A 90 -32.28 -16.05 19.84
C PHE A 90 -31.40 -17.28 19.67
N MET A 91 -30.14 -17.07 19.27
CA MET A 91 -29.20 -18.18 19.15
C MET A 91 -28.29 -18.34 20.37
N LYS A 92 -28.72 -17.90 21.55
CA LYS A 92 -27.94 -18.09 22.76
C LYS A 92 -28.05 -19.52 23.31
N ILE A 93 -28.73 -20.40 22.58
CA ILE A 93 -28.91 -21.79 22.97
C ILE A 93 -27.61 -22.55 22.82
N ASP A 94 -27.58 -23.79 23.31
CA ASP A 94 -26.36 -24.59 23.33
C ASP A 94 -26.27 -25.41 22.06
N GLN A 95 -25.21 -26.21 21.98
CA GLN A 95 -24.92 -27.06 20.82
C GLN A 95 -26.10 -27.93 20.41
N ALA A 96 -26.67 -28.65 21.37
CA ALA A 96 -27.73 -29.61 21.05
C ALA A 96 -28.94 -28.91 20.45
N THR A 97 -29.42 -27.86 21.11
CA THR A 97 -30.58 -27.13 20.61
C THR A 97 -30.31 -26.52 19.25
N LEU A 98 -29.12 -25.97 19.05
CA LEU A 98 -28.78 -25.38 17.75
C LEU A 98 -28.79 -26.44 16.66
N PHE A 99 -28.22 -27.60 16.95
CA PHE A 99 -28.18 -28.67 15.95
C PHE A 99 -29.58 -29.14 15.60
N GLU A 100 -30.44 -29.33 16.60
CA GLU A 100 -31.81 -29.72 16.35
C GLU A 100 -32.52 -28.65 15.52
N LEU A 101 -32.29 -27.38 15.88
CA LEU A 101 -32.90 -26.25 15.22
C LEU A 101 -32.57 -26.24 13.73
N ILE A 102 -31.28 -26.38 13.39
CA ILE A 102 -30.91 -26.35 11.98
C ILE A 102 -31.41 -27.61 11.26
N LEU A 103 -31.35 -28.76 11.94
CA LEU A 103 -31.72 -30.01 11.31
C LEU A 103 -33.20 -30.04 10.96
N ALA A 104 -34.03 -29.35 11.76
CA ALA A 104 -35.45 -29.25 11.45
C ALA A 104 -35.81 -28.06 10.58
N ALA A 105 -35.07 -26.95 10.67
CA ALA A 105 -35.25 -25.87 9.73
C ALA A 105 -34.90 -26.28 8.32
N ASN A 106 -34.05 -27.29 8.16
CA ASN A 106 -33.90 -27.92 6.85
C ASN A 106 -35.13 -28.72 6.46
N TYR A 107 -35.86 -29.26 7.44
CA TYR A 107 -37.13 -29.92 7.16
C TYR A 107 -38.24 -28.96 6.81
N LEU A 108 -38.14 -27.69 7.22
CA LEU A 108 -39.13 -26.69 6.82
C LEU A 108 -38.67 -25.85 5.65
N ASN A 109 -37.47 -26.09 5.13
CA ASN A 109 -36.92 -25.36 3.98
C ASN A 109 -37.09 -23.85 4.12
N ILE A 110 -36.63 -23.29 5.22
CA ILE A 110 -36.75 -21.85 5.49
C ILE A 110 -35.36 -21.25 5.34
N LYS A 111 -35.13 -20.52 4.25
CA LYS A 111 -33.82 -19.98 3.94
C LYS A 111 -33.31 -19.00 5.00
N ASN A 112 -34.17 -18.10 5.48
CA ASN A 112 -33.74 -17.11 6.46
C ASN A 112 -33.32 -17.80 7.75
N LEU A 113 -34.09 -18.79 8.18
CA LEU A 113 -33.74 -19.52 9.39
C LEU A 113 -32.45 -20.29 9.21
N LEU A 114 -32.28 -20.95 8.06
CA LEU A 114 -31.05 -21.66 7.74
C LEU A 114 -29.86 -20.73 7.84
N ASP A 115 -29.97 -19.54 7.23
CA ASP A 115 -28.90 -18.56 7.25
C ASP A 115 -28.57 -18.14 8.68
N LEU A 116 -29.59 -17.70 9.42
CA LEU A 116 -29.40 -17.17 10.76
C LEU A 116 -28.81 -18.22 11.69
N THR A 117 -29.18 -19.49 11.47
CA THR A 117 -28.70 -20.58 12.32
C THR A 117 -27.27 -20.98 11.97
N CYS A 118 -27.03 -21.28 10.70
CA CYS A 118 -25.70 -21.69 10.23
C CYS A 118 -24.64 -20.61 10.47
N GLN A 119 -25.03 -19.33 10.39
CA GLN A 119 -24.04 -18.30 10.68
C GLN A 119 -23.95 -18.10 12.18
N THR A 120 -23.93 -19.22 12.92
CA THR A 120 -23.56 -19.25 14.32
C THR A 120 -22.57 -20.39 14.49
N VAL A 121 -22.84 -21.49 13.79
CA VAL A 121 -21.92 -22.62 13.75
C VAL A 121 -20.71 -22.20 12.94
N ALA A 122 -20.89 -21.19 12.08
CA ALA A 122 -19.78 -20.58 11.38
C ALA A 122 -19.00 -19.59 12.22
N ASP A 123 -19.68 -18.84 13.10
CA ASP A 123 -18.98 -17.94 14.00
C ASP A 123 -18.25 -18.67 15.09
N MET A 124 -18.61 -19.92 15.36
CA MET A 124 -17.87 -20.75 16.30
C MET A 124 -16.66 -21.42 15.66
N ILE A 125 -16.43 -21.20 14.36
CA ILE A 125 -15.21 -21.65 13.68
C ILE A 125 -14.38 -20.41 13.39
N LYS A 126 -14.51 -19.40 14.24
CA LYS A 126 -13.66 -18.22 14.16
C LYS A 126 -12.29 -18.58 14.73
N GLY A 127 -11.48 -17.60 15.10
CA GLY A 127 -10.12 -17.84 15.51
C GLY A 127 -9.99 -19.00 16.48
N LYS A 128 -9.39 -20.09 15.99
CA LYS A 128 -9.36 -21.36 16.69
C LYS A 128 -8.44 -22.32 15.95
N THR A 129 -7.56 -22.99 16.68
CA THR A 129 -6.68 -23.98 16.08
C THR A 129 -7.52 -25.17 15.63
N PRO A 130 -6.97 -26.01 14.74
CA PRO A 130 -7.67 -27.25 14.37
C PRO A 130 -8.02 -28.11 15.59
N GLU A 131 -7.08 -28.18 16.53
CA GLU A 131 -7.28 -28.92 17.77
C GLU A 131 -8.49 -28.39 18.51
N GLU A 132 -8.62 -27.07 18.62
CA GLU A 132 -9.74 -26.47 19.33
C GLU A 132 -11.06 -26.79 18.64
N ILE A 133 -11.07 -26.79 17.32
CA ILE A 133 -12.28 -27.12 16.58
C ILE A 133 -12.67 -28.58 16.84
N ARG A 134 -11.68 -29.47 16.81
CA ARG A 134 -11.92 -30.88 17.10
C ARG A 134 -12.44 -31.06 18.52
N THR A 135 -12.00 -30.22 19.44
CA THR A 135 -12.44 -30.30 20.83
C THR A 135 -13.87 -29.80 20.98
N THR A 136 -14.17 -28.62 20.43
CA THR A 136 -15.50 -28.05 20.54
C THR A 136 -16.54 -28.91 19.86
N PHE A 137 -16.22 -29.51 18.73
CA PHE A 137 -17.19 -30.33 18.00
C PHE A 137 -16.95 -31.83 18.13
N ASN A 138 -16.06 -32.25 19.03
CA ASN A 138 -15.82 -33.67 19.33
C ASN A 138 -15.37 -34.44 18.10
N ILE A 139 -14.75 -33.75 17.14
CA ILE A 139 -14.26 -34.40 15.94
C ILE A 139 -12.91 -35.04 16.23
N LYS A 140 -12.70 -36.21 15.64
CA LYS A 140 -11.44 -36.93 15.77
C LYS A 140 -10.62 -36.79 14.50
N ASN A 141 -9.31 -36.62 14.69
CA ASN A 141 -8.38 -36.44 13.60
C ASN A 141 -8.20 -37.74 12.82
N ASP A 142 -8.07 -37.63 11.51
CA ASP A 142 -7.67 -38.76 10.67
C ASP A 142 -6.58 -38.37 9.68
N PHE A 143 -5.84 -37.30 9.95
CA PHE A 143 -4.78 -36.84 9.07
C PHE A 143 -3.45 -37.46 9.50
N THR A 144 -2.82 -38.21 8.61
CA THR A 144 -1.45 -38.59 8.82
C THR A 144 -0.55 -37.37 8.68
N PRO A 145 0.62 -37.36 9.33
CA PRO A 145 1.45 -36.15 9.33
C PRO A 145 1.84 -35.68 7.94
N GLU A 146 2.07 -36.59 6.99
CA GLU A 146 2.36 -36.16 5.62
C GLU A 146 1.15 -35.47 4.99
N GLU A 147 -0.06 -35.96 5.31
CA GLU A 147 -1.25 -35.29 4.80
C GLU A 147 -1.38 -33.88 5.36
N GLU A 148 -1.10 -33.71 6.65
CA GLU A 148 -1.10 -32.37 7.22
C GLU A 148 -0.04 -31.49 6.58
N GLU A 149 1.13 -32.06 6.29
CA GLU A 149 2.17 -31.30 5.61
C GLU A 149 1.68 -30.84 4.24
N GLU A 150 1.01 -31.73 3.50
CA GLU A 150 0.47 -31.36 2.20
C GLU A 150 -0.58 -30.27 2.31
N VAL A 151 -1.47 -30.38 3.30
CA VAL A 151 -2.53 -29.39 3.45
C VAL A 151 -1.96 -28.04 3.85
N ARG A 152 -0.95 -28.02 4.73
CA ARG A 152 -0.32 -26.76 5.09
C ARG A 152 0.40 -26.15 3.90
N ARG A 153 1.08 -26.98 3.10
CA ARG A 153 1.75 -26.46 1.91
C ARG A 153 0.74 -25.85 0.94
N GLU A 154 -0.42 -26.47 0.80
CA GLU A 154 -1.46 -25.88 -0.04
C GLU A 154 -1.98 -24.57 0.55
N ASN A 155 -2.23 -24.54 1.86
CA ASN A 155 -2.74 -23.32 2.49
C ASN A 155 -1.73 -22.19 2.47
N GLN A 156 -0.45 -22.49 2.29
CA GLN A 156 0.55 -21.44 2.18
C GLN A 156 0.38 -20.58 0.94
N TRP A 157 -0.44 -20.99 -0.01
CA TRP A 157 -0.63 -20.25 -1.25
C TRP A 157 -1.72 -19.18 -1.15
N ALA A 158 -2.22 -18.89 0.04
CA ALA A 158 -3.31 -17.95 0.22
C ALA A 158 -2.90 -16.86 1.21
N PHE A 159 -3.24 -15.61 0.89
CA PHE A 159 -3.04 -14.49 1.80
C PHE A 159 -4.18 -14.48 2.81
N GLU A 160 -3.87 -14.77 4.06
CA GLU A 160 -4.89 -14.82 5.10
C GLU A 160 -5.19 -13.43 5.63
N MET B 30 22.37 -17.74 -15.42
CA MET B 30 23.63 -17.24 -15.92
C MET B 30 24.78 -17.52 -14.93
N SER B 31 25.75 -16.62 -14.90
CA SER B 31 26.91 -16.81 -14.05
C SER B 31 26.57 -16.60 -12.58
N SER B 32 27.24 -17.36 -11.71
CA SER B 32 27.09 -17.13 -10.28
C SER B 32 27.69 -15.79 -9.88
N ILE B 33 28.75 -15.35 -10.56
CA ILE B 33 29.34 -14.06 -10.26
C ILE B 33 28.35 -12.94 -10.59
N GLY B 34 27.68 -13.05 -11.75
CA GLY B 34 26.71 -12.04 -12.11
C GLY B 34 25.53 -11.98 -11.16
N LEU B 35 25.00 -13.16 -10.79
CA LEU B 35 23.88 -13.19 -9.85
C LEU B 35 24.30 -12.67 -8.49
N ALA B 36 25.52 -12.97 -8.06
CA ALA B 36 25.98 -12.55 -6.74
C ALA B 36 26.12 -11.03 -6.68
N HIS B 37 26.57 -10.40 -7.76
CA HIS B 37 26.83 -8.97 -7.77
C HIS B 37 25.78 -8.17 -8.52
N ASN B 38 24.68 -8.80 -8.93
CA ASN B 38 23.58 -8.13 -9.60
C ASN B 38 24.09 -7.36 -10.82
N VAL B 39 24.91 -8.03 -11.63
CA VAL B 39 25.54 -7.37 -12.76
C VAL B 39 24.52 -7.18 -13.87
N THR B 40 24.43 -5.96 -14.39
CA THR B 40 23.54 -5.63 -15.49
C THR B 40 24.35 -5.03 -16.63
N ILE B 41 24.02 -5.42 -17.85
CA ILE B 41 24.73 -4.98 -19.06
C ILE B 41 23.76 -4.14 -19.88
N LEU B 42 24.16 -2.91 -20.19
CA LEU B 42 23.31 -1.98 -20.90
C LEU B 42 24.04 -1.38 -22.09
N GLY B 43 23.26 -0.90 -23.05
CA GLY B 43 23.82 -0.22 -24.19
C GLY B 43 24.60 -1.14 -25.11
N SER B 44 25.37 -0.52 -25.99
CA SER B 44 26.20 -1.23 -26.94
C SER B 44 27.42 -0.38 -27.25
N GLY B 45 28.30 -0.91 -28.08
CA GLY B 45 29.51 -0.22 -28.47
C GLY B 45 30.76 -1.01 -28.09
N GLU B 46 31.87 -0.64 -28.72
CA GLU B 46 33.13 -1.32 -28.46
C GLU B 46 33.71 -0.90 -27.11
N THR B 47 33.44 0.32 -26.66
CA THR B 47 33.92 0.79 -25.38
C THR B 47 32.96 0.40 -24.27
N THR B 48 33.49 -0.14 -23.18
CA THR B 48 32.70 -0.53 -22.02
C THR B 48 33.00 0.42 -20.87
N VAL B 49 31.95 0.93 -20.24
CA VAL B 49 32.05 1.77 -19.06
C VAL B 49 31.58 0.97 -17.86
N VAL B 50 32.42 0.87 -16.84
CA VAL B 50 32.09 0.15 -15.61
C VAL B 50 31.86 1.19 -14.52
N LEU B 51 30.69 1.15 -13.91
CA LEU B 51 30.31 2.10 -12.88
C LEU B 51 30.37 1.41 -11.52
N GLY B 52 31.17 1.98 -10.62
CA GLY B 52 31.30 1.42 -9.28
C GLY B 52 30.85 2.37 -8.20
N HIS B 53 29.82 2.01 -7.47
CA HIS B 53 29.30 2.86 -6.41
C HIS B 53 30.24 2.83 -5.21
N GLY B 54 30.10 3.84 -4.36
CA GLY B 54 30.81 3.84 -3.10
C GLY B 54 30.16 2.93 -2.10
N TYR B 55 30.79 2.80 -0.94
CA TYR B 55 30.29 1.90 0.09
C TYR B 55 29.06 2.49 0.76
N GLY B 56 28.09 1.64 1.06
CA GLY B 56 26.84 2.06 1.65
C GLY B 56 25.73 2.37 0.66
N THR B 57 26.04 2.41 -0.64
CA THR B 57 25.06 2.58 -1.69
C THR B 57 25.06 1.34 -2.56
N ASP B 58 24.30 1.38 -3.65
CA ASP B 58 24.27 0.29 -4.60
C ASP B 58 24.32 0.88 -6.01
N GLN B 59 24.18 0.02 -7.01
CA GLN B 59 24.27 0.47 -8.39
C GLN B 59 23.17 1.43 -8.79
N SER B 60 22.11 1.55 -7.98
CA SER B 60 21.04 2.48 -8.27
C SER B 60 21.47 3.93 -8.14
N VAL B 61 22.66 4.19 -7.58
CA VAL B 61 23.14 5.56 -7.45
C VAL B 61 23.52 6.16 -8.80
N TRP B 62 23.65 5.34 -9.84
CA TRP B 62 23.96 5.80 -11.18
C TRP B 62 22.71 5.92 -12.05
N LYS B 63 21.54 6.02 -11.43
CA LYS B 63 20.28 6.06 -12.17
C LYS B 63 20.17 7.28 -13.07
N LEU B 64 20.91 8.34 -12.77
CA LEU B 64 20.85 9.56 -13.55
C LEU B 64 21.94 9.63 -14.61
N LEU B 65 23.05 8.92 -14.40
CA LEU B 65 24.12 8.90 -15.38
C LEU B 65 23.93 7.84 -16.45
N VAL B 66 23.30 6.71 -16.11
CA VAL B 66 23.13 5.63 -17.08
C VAL B 66 22.45 6.10 -18.36
N PRO B 67 21.38 6.90 -18.33
CA PRO B 67 20.76 7.33 -19.61
C PRO B 67 21.70 8.07 -20.53
N TYR B 68 22.66 8.84 -20.01
CA TYR B 68 23.56 9.61 -20.85
C TYR B 68 24.65 8.77 -21.49
N LEU B 69 24.79 7.50 -21.11
CA LEU B 69 25.89 6.67 -21.58
C LEU B 69 25.45 5.55 -22.51
N VAL B 70 24.21 5.07 -22.40
CA VAL B 70 23.80 3.87 -23.12
C VAL B 70 23.80 4.08 -24.64
N ASP B 71 23.68 5.32 -25.09
CA ASP B 71 23.59 5.59 -26.53
C ASP B 71 24.94 5.47 -27.23
N ASP B 72 26.05 5.51 -26.50
CA ASP B 72 27.36 5.40 -27.12
C ASP B 72 28.34 4.52 -26.36
N TYR B 73 27.94 3.90 -25.26
CA TYR B 73 28.85 3.06 -24.49
C TYR B 73 28.10 1.84 -23.97
N LYS B 74 28.85 0.76 -23.76
CA LYS B 74 28.34 -0.43 -23.09
C LYS B 74 28.59 -0.27 -21.60
N VAL B 75 27.51 -0.25 -20.81
CA VAL B 75 27.59 0.08 -19.40
C VAL B 75 27.44 -1.19 -18.58
N LEU B 76 28.38 -1.43 -17.68
CA LEU B 76 28.32 -2.54 -16.74
C LEU B 76 28.09 -1.96 -15.35
N LEU B 77 27.04 -2.43 -14.68
CA LEU B 77 26.70 -2.00 -13.33
C LEU B 77 26.72 -3.21 -12.43
N TYR B 78 27.35 -3.07 -11.27
CA TYR B 78 27.43 -4.16 -10.30
C TYR B 78 27.34 -3.59 -8.90
N ASP B 79 26.98 -4.47 -7.96
CA ASP B 79 27.04 -4.20 -6.54
C ASP B 79 28.20 -4.97 -5.95
N HIS B 80 29.08 -4.28 -5.23
CA HIS B 80 30.14 -5.02 -4.55
C HIS B 80 29.54 -5.76 -3.35
N MET B 81 30.28 -6.75 -2.87
CA MET B 81 29.70 -7.75 -1.97
C MET B 81 29.19 -7.14 -0.68
N GLY B 82 29.76 -6.02 -0.24
CA GLY B 82 29.26 -5.46 0.99
C GLY B 82 27.90 -4.81 0.91
N ALA B 83 27.41 -4.51 -0.30
CA ALA B 83 26.24 -3.67 -0.45
C ALA B 83 25.01 -4.34 0.14
N GLY B 84 24.06 -3.50 0.56
CA GLY B 84 22.83 -4.01 1.17
C GLY B 84 21.93 -4.74 0.22
N THR B 85 22.16 -4.65 -1.08
CA THR B 85 21.38 -5.37 -2.07
C THR B 85 21.90 -6.77 -2.32
N THR B 86 23.02 -7.14 -1.75
CA THR B 86 23.63 -8.45 -1.97
C THR B 86 23.28 -9.39 -0.83
N ASN B 87 23.54 -10.66 -1.04
CA ASN B 87 23.27 -11.67 -0.03
C ASN B 87 24.29 -11.55 1.09
N PRO B 88 23.87 -11.28 2.33
CA PRO B 88 24.84 -11.17 3.42
C PRO B 88 25.54 -12.49 3.73
N ASP B 89 24.98 -13.62 3.31
CA ASP B 89 25.67 -14.89 3.47
C ASP B 89 26.96 -14.94 2.66
N TYR B 90 26.92 -14.37 1.45
CA TYR B 90 28.10 -14.38 0.59
C TYR B 90 29.22 -13.49 1.12
N PHE B 91 28.93 -12.59 2.05
CA PHE B 91 29.96 -11.69 2.55
C PHE B 91 30.92 -12.46 3.46
N ASP B 92 32.18 -12.54 3.03
CA ASP B 92 33.23 -13.18 3.80
C ASP B 92 34.00 -12.09 4.55
N PHE B 93 34.00 -12.19 5.87
CA PHE B 93 34.69 -11.17 6.66
C PHE B 93 36.20 -11.24 6.45
N ASP B 94 36.76 -12.43 6.31
CA ASP B 94 38.20 -12.54 6.09
C ASP B 94 38.61 -12.00 4.72
N ARG B 95 37.81 -12.29 3.70
CA ARG B 95 38.15 -11.81 2.35
C ARG B 95 38.01 -10.30 2.25
N TYR B 96 36.91 -9.75 2.76
CA TYR B 96 36.58 -8.35 2.57
C TYR B 96 37.01 -7.48 3.74
N SER B 97 37.92 -7.97 4.58
CA SER B 97 38.57 -7.13 5.58
C SER B 97 39.69 -6.30 4.98
N SER B 98 40.01 -6.49 3.71
CA SER B 98 41.02 -5.72 3.01
C SER B 98 40.51 -5.34 1.64
N LEU B 99 41.08 -4.28 1.08
CA LEU B 99 40.68 -3.78 -0.23
C LEU B 99 41.02 -4.76 -1.35
N GLU B 100 42.03 -5.62 -1.13
CA GLU B 100 42.42 -6.56 -2.17
C GLU B 100 41.30 -7.53 -2.52
N GLY B 101 40.44 -7.86 -1.56
CA GLY B 101 39.28 -8.69 -1.89
C GLY B 101 38.36 -8.02 -2.87
N TYR B 102 38.09 -6.73 -2.67
CA TYR B 102 37.25 -5.99 -3.60
C TYR B 102 37.91 -5.86 -4.97
N SER B 103 39.23 -5.63 -5.00
CA SER B 103 39.92 -5.56 -6.28
C SER B 103 39.85 -6.89 -7.02
N TYR B 104 40.03 -7.99 -6.31
CA TYR B 104 39.93 -9.30 -6.93
C TYR B 104 38.51 -9.57 -7.43
N ASP B 105 37.50 -9.16 -6.67
CA ASP B 105 36.13 -9.33 -7.14
C ASP B 105 35.87 -8.52 -8.39
N LEU B 106 36.40 -7.29 -8.47
CA LEU B 106 36.27 -6.50 -9.68
C LEU B 106 36.95 -7.18 -10.86
N ILE B 107 38.15 -7.72 -10.63
CA ILE B 107 38.85 -8.44 -11.69
C ILE B 107 38.02 -9.63 -12.16
N ALA B 108 37.47 -10.39 -11.22
CA ALA B 108 36.68 -11.56 -11.56
C ALA B 108 35.44 -11.18 -12.36
N ILE B 109 34.76 -10.11 -11.96
CA ILE B 109 33.57 -9.66 -12.70
C ILE B 109 33.96 -9.25 -14.11
N LEU B 110 35.05 -8.50 -14.26
CA LEU B 110 35.47 -8.06 -15.58
C LEU B 110 35.84 -9.25 -16.46
N GLU B 111 36.55 -10.23 -15.90
CA GLU B 111 36.92 -11.41 -16.68
C GLU B 111 35.70 -12.23 -17.07
N GLU B 112 34.68 -12.27 -16.20
CA GLU B 112 33.49 -13.06 -16.49
C GLU B 112 32.75 -12.53 -17.71
N PHE B 113 32.71 -11.22 -17.89
CA PHE B 113 31.94 -10.60 -18.96
C PHE B 113 32.83 -10.15 -20.12
N GLN B 114 34.02 -10.70 -20.22
CA GLN B 114 34.92 -10.47 -21.36
C GLN B 114 35.15 -8.98 -21.59
N VAL B 115 35.34 -8.26 -20.50
CA VAL B 115 35.54 -6.81 -20.54
C VAL B 115 37.03 -6.53 -20.47
N SER B 116 37.54 -5.79 -21.44
CA SER B 116 38.93 -5.35 -21.45
C SER B 116 38.99 -3.89 -21.86
N LYS B 117 39.99 -3.19 -21.33
CA LYS B 117 40.16 -1.76 -21.58
C LYS B 117 38.89 -0.98 -21.26
N CYS B 118 38.27 -1.32 -20.14
CA CYS B 118 37.07 -0.64 -19.71
C CYS B 118 37.41 0.75 -19.17
N ILE B 119 36.42 1.62 -19.18
CA ILE B 119 36.50 2.90 -18.50
C ILE B 119 35.78 2.73 -17.17
N TYR B 120 36.51 2.82 -16.07
CA TYR B 120 35.94 2.62 -14.75
C TYR B 120 35.65 3.97 -14.11
N VAL B 121 34.39 4.20 -13.75
CA VAL B 121 33.99 5.39 -13.02
C VAL B 121 33.56 4.94 -11.63
N GLY B 122 34.26 5.42 -10.61
CA GLY B 122 34.03 4.95 -9.26
C GLY B 122 33.89 6.11 -8.28
N HIS B 123 33.07 5.87 -7.27
CA HIS B 123 32.91 6.83 -6.19
C HIS B 123 34.04 6.60 -5.19
N SER B 124 33.96 7.22 -4.02
CA SER B 124 35.05 7.21 -3.06
C SER B 124 35.35 5.80 -2.58
N MET B 125 36.63 5.46 -2.49
CA MET B 125 37.13 4.21 -1.93
C MET B 125 36.73 3.00 -2.75
N SER B 126 35.92 3.21 -3.79
CA SER B 126 35.73 2.19 -4.81
C SER B 126 36.70 2.41 -5.96
N SER B 127 36.97 3.69 -6.26
CA SER B 127 38.00 4.02 -7.23
C SER B 127 39.37 3.55 -6.76
N MET B 128 39.62 3.56 -5.46
CA MET B 128 40.88 3.03 -4.95
C MET B 128 40.98 1.53 -5.17
N ALA B 129 39.87 0.81 -4.99
CA ALA B 129 39.86 -0.61 -5.31
C ALA B 129 40.11 -0.84 -6.79
N ALA B 130 39.52 -0.01 -7.65
CA ALA B 130 39.78 -0.15 -9.08
C ALA B 130 41.23 0.17 -9.43
N ALA B 131 41.83 1.13 -8.72
CA ALA B 131 43.24 1.45 -8.94
C ALA B 131 44.14 0.28 -8.56
N VAL B 132 43.85 -0.36 -7.42
CA VAL B 132 44.62 -1.55 -7.03
C VAL B 132 44.42 -2.65 -8.07
N ALA B 133 43.19 -2.80 -8.57
CA ALA B 133 42.93 -3.79 -9.60
C ALA B 133 43.73 -3.49 -10.86
N SER B 134 43.86 -2.21 -11.22
CA SER B 134 44.69 -1.83 -12.35
C SER B 134 46.16 -2.14 -12.09
N ILE B 135 46.59 -2.02 -10.84
CA ILE B 135 47.93 -2.48 -10.49
C ILE B 135 48.08 -3.96 -10.78
N PHE B 136 47.08 -4.77 -10.38
CA PHE B 136 47.15 -6.20 -10.63
C PHE B 136 47.01 -6.51 -12.12
N ARG B 137 46.04 -5.89 -12.78
CA ARG B 137 45.74 -6.17 -14.18
C ARG B 137 45.66 -4.87 -14.97
N PRO B 138 46.80 -4.37 -15.43
CA PRO B 138 46.78 -3.11 -16.20
C PRO B 138 45.99 -3.21 -17.50
N ASP B 139 45.84 -4.41 -18.04
CA ASP B 139 45.17 -4.57 -19.33
C ASP B 139 43.67 -4.33 -19.24
N LEU B 140 43.05 -4.74 -18.13
CA LEU B 140 41.59 -4.66 -18.03
C LEU B 140 41.08 -3.23 -17.99
N PHE B 141 41.93 -2.26 -17.67
CA PHE B 141 41.51 -0.87 -17.52
C PHE B 141 42.17 0.00 -18.58
N HIS B 142 41.38 0.88 -19.18
CA HIS B 142 41.87 1.89 -20.11
C HIS B 142 42.06 3.25 -19.46
N LYS B 143 41.20 3.61 -18.51
CA LYS B 143 41.36 4.84 -17.74
C LYS B 143 40.54 4.72 -16.46
N LEU B 144 40.78 5.64 -15.54
CA LEU B 144 40.07 5.69 -14.27
C LEU B 144 39.46 7.06 -14.07
N VAL B 145 38.18 7.09 -13.74
CA VAL B 145 37.49 8.33 -13.36
C VAL B 145 37.12 8.19 -11.89
N MET B 146 37.62 9.10 -11.08
CA MET B 146 37.47 9.02 -9.62
C MET B 146 36.68 10.23 -9.14
N ILE B 147 35.71 9.98 -8.26
CA ILE B 147 34.87 11.04 -7.71
C ILE B 147 35.18 11.15 -6.23
N SER B 148 35.88 12.22 -5.86
CA SER B 148 36.34 12.44 -4.49
C SER B 148 37.07 11.22 -3.91
N PRO B 149 38.19 10.79 -4.51
CA PRO B 149 38.93 9.67 -3.95
C PRO B 149 39.85 10.10 -2.82
N THR B 150 40.54 9.14 -2.23
CA THR B 150 41.50 9.39 -1.16
C THR B 150 42.35 8.15 -0.95
N PRO B 151 43.67 8.27 -0.88
CA PRO B 151 44.51 7.08 -0.69
C PRO B 151 44.46 6.58 0.74
N ARG B 152 44.48 7.49 1.70
CA ARG B 152 44.33 7.17 3.10
C ARG B 152 43.30 8.11 3.69
N LEU B 153 42.41 7.56 4.51
CA LEU B 153 41.34 8.36 5.10
C LEU B 153 41.72 8.98 6.43
N ILE B 154 42.75 8.45 7.09
CA ILE B 154 43.15 8.91 8.42
C ILE B 154 44.33 9.86 8.28
N ASN B 155 44.17 11.09 8.76
CA ASN B 155 45.24 12.07 8.72
C ASN B 155 46.37 11.66 9.66
N THR B 156 47.59 11.85 9.19
CA THR B 156 48.79 11.67 9.99
C THR B 156 49.45 13.02 10.23
N GLU B 157 50.62 12.99 10.88
CA GLU B 157 51.33 14.23 11.15
C GLU B 157 51.84 14.87 9.87
N GLU B 158 52.27 14.06 8.90
CA GLU B 158 52.87 14.55 7.67
C GLU B 158 51.95 14.39 6.47
N TYR B 159 50.68 14.05 6.68
CA TYR B 159 49.76 13.84 5.57
C TYR B 159 48.37 14.26 6.00
N TYR B 160 47.85 15.32 5.39
CA TYR B 160 46.51 15.83 5.66
C TYR B 160 45.64 15.50 4.44
N GLY B 161 45.02 14.34 4.47
CA GLY B 161 44.20 13.91 3.36
C GLY B 161 42.95 13.18 3.79
N GLY B 162 42.44 13.47 4.98
CA GLY B 162 41.26 12.80 5.48
C GLY B 162 40.79 13.34 6.83
N PHE B 163 40.47 12.44 7.75
CA PHE B 163 39.94 12.81 9.06
C PHE B 163 40.89 12.35 10.16
N GLU B 164 40.82 13.03 11.29
CA GLU B 164 41.57 12.61 12.45
C GLU B 164 41.02 11.29 12.98
N GLN B 165 41.92 10.42 13.46
CA GLN B 165 41.47 9.15 14.02
C GLN B 165 40.50 9.36 15.17
N LYS B 166 40.62 10.48 15.88
CA LYS B 166 39.75 10.77 17.01
C LYS B 166 38.29 10.91 16.58
N VAL B 167 38.02 11.46 15.40
CA VAL B 167 36.64 11.61 14.95
C VAL B 167 36.12 10.34 14.28
N MET B 168 37.00 9.55 13.65
CA MET B 168 36.55 8.29 13.08
C MET B 168 36.28 7.25 14.17
N ASP B 169 36.91 7.42 15.33
CA ASP B 169 36.64 6.53 16.45
C ASP B 169 35.18 6.62 16.90
N GLU B 170 34.60 7.82 16.84
CA GLU B 170 33.19 7.97 17.20
C GLU B 170 32.28 7.21 16.24
N THR B 171 32.56 7.29 14.94
CA THR B 171 31.78 6.54 13.97
C THR B 171 31.92 5.05 14.22
N LEU B 172 33.13 4.58 14.48
CA LEU B 172 33.33 3.17 14.77
C LEU B 172 32.56 2.76 16.02
N ARG B 173 32.56 3.61 17.05
CA ARG B 173 31.85 3.30 18.27
C ARG B 173 30.34 3.21 18.04
N SER B 174 29.79 4.11 17.22
CA SER B 174 28.38 4.03 16.89
C SER B 174 28.06 2.74 16.16
N LEU B 175 28.90 2.35 15.20
CA LEU B 175 28.67 1.10 14.49
C LEU B 175 28.77 -0.10 15.43
N ASP B 176 29.72 -0.06 16.37
CA ASP B 176 29.87 -1.16 17.32
C ASP B 176 28.67 -1.26 18.25
N GLU B 177 28.16 -0.12 18.72
CA GLU B 177 26.96 -0.13 19.55
C GLU B 177 25.77 -0.67 18.78
N ASN B 178 25.63 -0.27 17.51
CA ASN B 178 24.53 -0.79 16.69
C ASN B 178 24.61 -2.30 16.55
N PHE B 179 25.81 -2.81 16.25
CA PHE B 179 25.97 -4.26 16.11
C PHE B 179 25.68 -4.98 17.41
N LYS B 180 26.13 -4.41 18.53
CA LYS B 180 25.88 -5.02 19.83
C LYS B 180 24.38 -5.06 20.13
N SER B 181 23.67 -3.99 19.79
CA SER B 181 22.22 -3.97 20.00
C SER B 181 21.52 -5.00 19.12
N LEU B 182 21.94 -5.10 17.86
CA LEU B 182 21.30 -6.05 16.96
C LEU B 182 21.59 -7.49 17.37
N SER B 183 22.75 -7.75 17.96
CA SER B 183 23.06 -9.10 18.40
C SER B 183 22.18 -9.55 19.54
N LEU B 184 21.73 -8.62 20.39
CA LEU B 184 20.89 -8.96 21.53
C LEU B 184 19.41 -8.97 21.19
N GLY B 185 19.05 -8.70 19.94
CA GLY B 185 17.66 -8.70 19.52
C GLY B 185 16.95 -7.37 19.59
N THR B 186 17.64 -6.31 20.02
CA THR B 186 17.05 -4.98 20.11
C THR B 186 17.24 -4.23 18.80
N ALA B 187 16.89 -2.95 18.80
CA ALA B 187 16.95 -2.15 17.59
C ALA B 187 18.24 -1.35 17.53
N PRO B 188 18.98 -1.42 16.44
CA PRO B 188 20.12 -0.50 16.26
C PRO B 188 19.64 0.91 16.00
N LEU B 189 19.79 1.80 16.98
CA LEU B 189 19.17 3.11 16.93
C LEU B 189 20.16 4.27 16.78
N LEU B 190 21.43 3.98 16.58
CA LEU B 190 22.41 5.05 16.37
C LEU B 190 22.52 5.36 14.89
N LEU B 191 22.65 6.63 14.58
CA LEU B 191 22.64 7.09 13.20
C LEU B 191 23.79 8.06 12.96
N ALA B 192 24.10 8.26 11.68
CA ALA B 192 25.14 9.22 11.32
C ALA B 192 24.75 10.63 11.73
N CYS B 193 23.45 10.93 11.77
CA CYS B 193 23.00 12.24 12.21
C CYS B 193 23.21 12.46 13.71
N ASP B 194 23.53 11.40 14.46
CA ASP B 194 23.80 11.55 15.88
C ASP B 194 25.23 12.02 16.15
N LEU B 195 26.06 12.11 15.14
CA LEU B 195 27.41 12.63 15.27
C LEU B 195 27.39 14.15 15.26
N GLU B 196 28.35 14.76 15.96
CA GLU B 196 28.42 16.20 16.09
C GLU B 196 29.39 16.85 15.12
N SER B 197 30.01 16.06 14.23
CA SER B 197 31.04 16.61 13.34
C SER B 197 30.45 17.48 12.25
N ALA B 198 29.22 17.18 11.82
CA ALA B 198 28.50 17.88 10.76
C ALA B 198 29.10 17.62 9.39
N ALA B 199 30.26 16.96 9.36
CA ALA B 199 30.86 16.44 8.14
C ALA B 199 30.94 14.93 8.14
N MET B 200 31.20 14.34 9.30
CA MET B 200 31.06 12.90 9.45
C MET B 200 29.61 12.48 9.29
N GLN B 201 28.66 13.35 9.62
CA GLN B 201 27.26 13.03 9.39
C GLN B 201 27.00 12.78 7.92
N GLU B 202 27.52 13.63 7.05
CA GLU B 202 27.31 13.46 5.62
C GLU B 202 28.18 12.35 5.05
N TYR B 203 29.44 12.26 5.48
CA TYR B 203 30.35 11.29 4.88
C TYR B 203 29.98 9.87 5.29
N CYS B 204 29.67 9.65 6.56
CA CYS B 204 29.34 8.33 7.08
C CYS B 204 27.85 8.05 7.05
N ARG B 205 27.09 8.83 6.29
CA ARG B 205 25.64 8.65 6.24
C ARG B 205 25.29 7.26 5.70
N THR B 206 25.97 6.83 4.64
CA THR B 206 25.62 5.59 3.97
C THR B 206 26.17 4.36 4.66
N LEU B 207 27.12 4.51 5.60
CA LEU B 207 27.64 3.36 6.31
C LEU B 207 26.60 2.72 7.23
N PHE B 208 25.52 3.43 7.53
CA PHE B 208 24.41 2.88 8.30
C PHE B 208 23.32 2.32 7.38
N ASN B 209 23.68 1.83 6.21
CA ASN B 209 22.74 1.34 5.22
C ASN B 209 22.97 -0.13 4.88
N MET B 210 23.68 -0.85 5.72
CA MET B 210 23.91 -2.28 5.56
C MET B 210 23.80 -2.96 6.92
N ARG B 211 23.93 -4.28 6.91
CA ARG B 211 23.86 -5.02 8.17
C ARG B 211 24.97 -4.57 9.11
N PRO B 212 24.67 -4.35 10.39
CA PRO B 212 25.66 -3.69 11.26
C PRO B 212 27.01 -4.37 11.36
N ASP B 213 27.07 -5.71 11.39
CA ASP B 213 28.37 -6.37 11.44
C ASP B 213 29.16 -6.14 10.17
N ILE B 214 28.50 -6.25 9.01
CA ILE B 214 29.15 -5.95 7.74
C ILE B 214 29.57 -4.49 7.70
N ALA B 215 28.75 -3.60 8.27
CA ALA B 215 29.12 -2.19 8.31
C ALA B 215 30.39 -1.98 9.12
N CYS B 216 30.50 -2.64 10.28
CA CYS B 216 31.71 -2.51 11.09
C CYS B 216 32.92 -3.04 10.34
N CYS B 217 32.78 -4.18 9.68
CA CYS B 217 33.91 -4.76 8.95
C CYS B 217 34.38 -3.85 7.82
N ILE B 218 33.43 -3.33 7.03
CA ILE B 218 33.80 -2.48 5.90
C ILE B 218 34.38 -1.17 6.39
N THR B 219 33.83 -0.60 7.45
CA THR B 219 34.36 0.66 7.97
C THR B 219 35.78 0.48 8.50
N ARG B 220 36.05 -0.62 9.19
CA ARG B 220 37.42 -0.84 9.65
C ARG B 220 38.36 -1.08 8.50
N MET B 221 37.90 -1.78 7.45
CA MET B 221 38.73 -1.91 6.26
C MET B 221 39.07 -0.55 5.67
N ILE B 222 38.10 0.34 5.61
CA ILE B 222 38.34 1.68 5.07
C ILE B 222 39.31 2.46 5.94
N CYS B 223 39.14 2.37 7.27
CA CYS B 223 40.01 3.12 8.17
C CYS B 223 41.45 2.61 8.10
N GLY B 224 41.63 1.30 8.01
CA GLY B 224 42.97 0.75 7.93
C GLY B 224 43.62 0.80 6.58
N LEU B 225 42.92 1.31 5.57
CA LEU B 225 43.46 1.37 4.22
C LEU B 225 44.54 2.43 4.11
N ASP B 226 45.64 2.08 3.42
CA ASP B 226 46.70 3.05 3.16
C ASP B 226 47.36 2.65 1.83
N LEU B 227 47.00 3.37 0.77
CA LEU B 227 47.52 3.09 -0.56
C LEU B 227 48.61 4.05 -0.99
N ARG B 228 49.09 4.91 -0.09
CA ARG B 228 50.18 5.82 -0.44
C ARG B 228 51.42 5.10 -0.96
N PRO B 229 51.88 4.00 -0.36
CA PRO B 229 53.02 3.29 -0.96
C PRO B 229 52.76 2.78 -2.36
N TYR B 230 51.51 2.43 -2.67
CA TYR B 230 51.20 1.68 -3.87
C TYR B 230 50.80 2.56 -5.05
N LEU B 231 50.71 3.87 -4.86
CA LEU B 231 50.30 4.75 -5.95
C LEU B 231 51.31 4.81 -7.08
N GLY B 232 52.59 4.53 -6.79
CA GLY B 232 53.60 4.59 -7.83
C GLY B 232 53.46 3.51 -8.88
N HIS B 233 52.77 2.42 -8.56
CA HIS B 233 52.58 1.35 -9.53
C HIS B 233 51.38 1.57 -10.43
N VAL B 234 50.54 2.56 -10.14
CA VAL B 234 49.37 2.84 -10.96
C VAL B 234 49.84 3.55 -12.23
N THR B 235 49.70 2.88 -13.37
CA THR B 235 50.14 3.46 -14.64
C THR B 235 48.98 3.92 -15.53
N VAL B 236 47.79 3.38 -15.33
CA VAL B 236 46.65 3.80 -16.16
C VAL B 236 46.29 5.23 -15.83
N PRO B 237 45.87 6.04 -16.80
CA PRO B 237 45.48 7.43 -16.49
C PRO B 237 44.30 7.48 -15.54
N CYS B 238 44.35 8.43 -14.61
CA CYS B 238 43.31 8.62 -13.61
C CYS B 238 42.78 10.04 -13.72
N HIS B 239 41.47 10.17 -13.82
CA HIS B 239 40.79 11.46 -13.85
C HIS B 239 40.12 11.69 -12.51
N ILE B 240 40.56 12.71 -11.78
CA ILE B 240 40.09 12.97 -10.43
C ILE B 240 39.06 14.09 -10.47
N ILE B 241 37.89 13.84 -9.92
CA ILE B 241 36.84 14.83 -9.79
C ILE B 241 36.60 15.09 -8.32
N GLN B 242 36.77 16.33 -7.90
CA GLN B 242 36.58 16.74 -6.52
C GLN B 242 35.49 17.80 -6.45
N SER B 243 35.35 18.41 -5.26
CA SER B 243 34.40 19.48 -5.04
C SER B 243 35.12 20.70 -4.48
N SER B 244 34.55 21.87 -4.74
CA SER B 244 35.13 23.12 -4.26
C SER B 244 34.93 23.25 -2.76
N ASN B 245 36.04 23.38 -2.03
CA ASN B 245 36.02 23.51 -0.57
C ASN B 245 35.26 22.35 0.07
N ASP B 246 35.50 21.15 -0.43
CA ASP B 246 34.82 19.97 0.09
C ASP B 246 35.22 19.76 1.54
N ILE B 247 34.24 19.83 2.45
CA ILE B 247 34.52 19.71 3.88
C ILE B 247 34.81 18.29 4.31
N MET B 248 34.58 17.30 3.45
CA MET B 248 34.81 15.91 3.82
C MET B 248 36.19 15.43 3.39
N VAL B 249 36.45 15.40 2.09
CA VAL B 249 37.75 15.00 1.56
C VAL B 249 38.51 16.27 1.19
N PRO B 250 39.64 16.56 1.84
CA PRO B 250 40.36 17.79 1.55
C PRO B 250 40.77 17.86 0.08
N VAL B 251 40.75 19.08 -0.46
CA VAL B 251 41.10 19.28 -1.86
C VAL B 251 42.55 18.94 -2.16
N ALA B 252 43.41 18.94 -1.14
CA ALA B 252 44.83 18.63 -1.35
C ALA B 252 45.06 17.19 -1.73
N VAL B 253 44.06 16.32 -1.51
CA VAL B 253 44.18 14.92 -1.91
C VAL B 253 44.36 14.81 -3.41
N GLY B 254 43.71 15.69 -4.18
CA GLY B 254 43.87 15.65 -5.62
C GLY B 254 45.29 15.91 -6.05
N GLU B 255 45.92 16.95 -5.48
CA GLU B 255 47.31 17.24 -5.82
C GLU B 255 48.25 16.14 -5.34
N TYR B 256 48.00 15.59 -4.14
CA TYR B 256 48.82 14.49 -3.67
C TYR B 256 48.76 13.30 -4.62
N LEU B 257 47.55 12.93 -5.04
CA LEU B 257 47.39 11.84 -5.98
C LEU B 257 48.08 12.14 -7.30
N ARG B 258 47.90 13.36 -7.81
CA ARG B 258 48.51 13.72 -9.08
C ARG B 258 50.03 13.61 -9.01
N LYS B 259 50.62 14.03 -7.90
CA LYS B 259 52.07 13.95 -7.76
C LYS B 259 52.53 12.50 -7.65
N ASN B 260 51.81 11.67 -6.90
CA ASN B 260 52.29 10.33 -6.59
C ASN B 260 51.74 9.23 -7.50
N LEU B 261 50.92 9.58 -8.49
CA LEU B 261 50.47 8.57 -9.44
C LEU B 261 51.58 8.32 -10.46
N GLY B 262 51.74 7.05 -10.82
CA GLY B 262 52.75 6.68 -11.79
C GLY B 262 52.34 6.85 -13.23
N GLY B 263 51.14 7.35 -13.48
CA GLY B 263 50.67 7.57 -14.83
C GLY B 263 50.11 8.97 -14.99
N PRO B 264 49.68 9.32 -16.20
CA PRO B 264 49.09 10.64 -16.41
C PRO B 264 47.83 10.82 -15.59
N SER B 265 47.63 12.04 -15.09
CA SER B 265 46.49 12.32 -14.25
C SER B 265 46.02 13.76 -14.47
N VAL B 266 44.74 13.99 -14.22
CA VAL B 266 44.13 15.30 -14.36
C VAL B 266 43.16 15.50 -13.21
N VAL B 267 43.16 16.68 -12.63
CA VAL B 267 42.33 17.02 -11.48
C VAL B 267 41.35 18.10 -11.89
N GLU B 268 40.07 17.87 -11.64
CA GLU B 268 39.04 18.87 -11.88
C GLU B 268 38.23 19.09 -10.61
N VAL B 269 37.93 20.35 -10.33
CA VAL B 269 37.15 20.75 -9.17
C VAL B 269 35.85 21.35 -9.67
N MET B 270 34.73 20.79 -9.24
CA MET B 270 33.41 21.22 -9.67
C MET B 270 32.65 21.83 -8.50
N PRO B 271 31.67 22.69 -8.76
CA PRO B 271 30.98 23.40 -7.66
C PRO B 271 29.81 22.60 -7.08
N THR B 272 30.12 21.48 -6.45
CA THR B 272 29.11 20.62 -5.86
C THR B 272 29.39 20.46 -4.36
N GLU B 273 28.53 19.69 -3.71
CA GLU B 273 28.65 19.47 -2.28
C GLU B 273 27.94 18.17 -1.93
N GLY B 274 28.19 17.69 -0.72
CA GLY B 274 27.58 16.45 -0.25
C GLY B 274 28.39 15.23 -0.67
N HIS B 275 27.94 14.08 -0.16
CA HIS B 275 28.64 12.83 -0.37
C HIS B 275 28.31 12.17 -1.69
N LEU B 276 27.15 12.47 -2.28
CA LEU B 276 26.70 11.82 -3.51
C LEU B 276 26.33 12.88 -4.54
N PRO B 277 27.32 13.60 -5.06
CA PRO B 277 27.01 14.62 -6.07
C PRO B 277 26.42 14.06 -7.34
N HIS B 278 26.78 12.85 -7.73
CA HIS B 278 26.27 12.25 -8.95
C HIS B 278 24.81 11.84 -8.85
N LEU B 279 24.21 11.92 -7.67
CA LEU B 279 22.79 11.66 -7.49
C LEU B 279 22.01 12.87 -7.01
N SER B 280 22.57 13.67 -6.10
CA SER B 280 21.85 14.81 -5.56
C SER B 280 21.99 16.07 -6.42
N MET B 281 23.10 16.22 -7.13
CA MET B 281 23.36 17.39 -7.97
C MET B 281 23.79 16.91 -9.35
N PRO B 282 22.87 16.30 -10.11
CA PRO B 282 23.28 15.74 -11.40
C PRO B 282 23.50 16.80 -12.47
N GLU B 283 22.76 17.91 -12.43
CA GLU B 283 22.88 18.91 -13.47
C GLU B 283 24.25 19.57 -13.48
N VAL B 284 25.05 19.37 -12.44
CA VAL B 284 26.43 19.80 -12.41
C VAL B 284 27.40 18.63 -12.54
N THR B 285 27.15 17.55 -11.82
CA THR B 285 28.10 16.45 -11.78
C THR B 285 28.14 15.69 -13.09
N ILE B 286 26.98 15.42 -13.70
CA ILE B 286 26.93 14.55 -14.88
C ILE B 286 27.76 15.09 -16.04
N PRO B 287 27.67 16.36 -16.42
CA PRO B 287 28.52 16.84 -17.52
C PRO B 287 30.00 16.68 -17.27
N VAL B 288 30.46 16.88 -16.03
CA VAL B 288 31.88 16.72 -15.72
C VAL B 288 32.30 15.27 -15.92
N VAL B 289 31.51 14.33 -15.41
CA VAL B 289 31.83 12.92 -15.57
C VAL B 289 31.80 12.52 -17.04
N LEU B 290 30.83 13.02 -17.79
CA LEU B 290 30.77 12.71 -19.22
C LEU B 290 31.98 13.24 -19.96
N ARG B 291 32.39 14.47 -19.64
CA ARG B 291 33.55 15.04 -20.29
C ARG B 291 34.81 14.26 -19.98
N HIS B 292 34.97 13.83 -18.74
CA HIS B 292 36.16 13.05 -18.39
C HIS B 292 36.08 11.63 -18.93
N ILE B 293 34.89 11.11 -19.18
CA ILE B 293 34.75 9.82 -19.84
C ILE B 293 35.16 9.92 -21.31
N ARG B 294 34.71 10.98 -21.99
CA ARG B 294 34.94 11.08 -23.43
C ARG B 294 36.30 11.67 -23.79
N GLN B 295 36.95 12.39 -22.88
CA GLN B 295 38.27 12.93 -23.16
C GLN B 295 39.32 11.90 -22.76
N ASP B 296 40.17 11.52 -23.72
CA ASP B 296 41.11 10.43 -23.53
C ASP B 296 42.54 10.89 -23.36
N ILE B 297 42.81 12.20 -23.42
CA ILE B 297 44.18 12.67 -23.29
C ILE B 297 44.66 12.51 -21.85
N THR B 298 43.81 12.82 -20.89
CA THR B 298 44.18 12.87 -19.48
C THR B 298 45.33 13.83 -19.23
N THR C 72 -26.59 -34.69 18.70
CA THR C 72 -25.96 -35.43 17.61
C THR C 72 -24.64 -34.79 17.20
N ALA C 73 -23.73 -35.62 16.69
CA ALA C 73 -22.43 -35.11 16.26
C ALA C 73 -22.58 -34.20 15.04
N LEU C 74 -21.68 -33.23 14.94
CA LEU C 74 -21.71 -32.30 13.82
C LEU C 74 -21.44 -33.01 12.49
N ASN C 75 -20.52 -33.97 12.49
CA ASN C 75 -20.16 -34.65 11.25
C ASN C 75 -21.29 -35.52 10.71
N ASP C 76 -22.30 -35.82 11.53
CA ASP C 76 -23.41 -36.67 11.08
C ASP C 76 -24.50 -35.89 10.37
N LEU C 77 -24.38 -34.56 10.29
CA LEU C 77 -25.34 -33.75 9.57
C LEU C 77 -25.24 -34.01 8.07
N PRO C 78 -26.33 -33.77 7.33
CA PRO C 78 -26.26 -33.86 5.88
C PRO C 78 -25.26 -32.86 5.32
N ASP C 79 -24.56 -33.27 4.27
CA ASP C 79 -23.48 -32.47 3.71
C ASP C 79 -23.95 -31.12 3.20
N VAL C 80 -25.22 -30.97 2.84
CA VAL C 80 -25.69 -29.70 2.28
C VAL C 80 -25.59 -28.59 3.31
N ILE C 81 -26.13 -28.83 4.51
CA ILE C 81 -26.12 -27.79 5.54
C ILE C 81 -24.71 -27.59 6.08
N LEU C 82 -23.88 -28.64 6.07
CA LEU C 82 -22.49 -28.46 6.42
C LEU C 82 -21.79 -27.54 5.42
N SER C 83 -22.08 -27.69 4.13
CA SER C 83 -21.53 -26.78 3.13
C SER C 83 -22.04 -25.37 3.35
N ASN C 84 -23.31 -25.23 3.71
CA ASN C 84 -23.85 -23.91 4.01
C ASN C 84 -23.11 -23.28 5.19
N ILE C 85 -22.75 -24.08 6.18
CA ILE C 85 -21.98 -23.56 7.32
C ILE C 85 -20.58 -23.14 6.87
N MET C 86 -19.93 -24.00 6.07
CA MET C 86 -18.59 -23.71 5.58
C MET C 86 -18.53 -22.47 4.69
N ALA C 87 -19.60 -22.16 3.96
CA ALA C 87 -19.60 -20.95 3.15
C ALA C 87 -19.68 -19.68 4.00
N GLY C 88 -20.12 -19.79 5.26
CA GLY C 88 -20.10 -18.66 6.16
C GLY C 88 -18.75 -18.38 6.80
N VAL C 89 -17.79 -19.26 6.62
CA VAL C 89 -16.43 -19.08 7.14
C VAL C 89 -15.69 -18.20 6.13
N SER C 90 -15.52 -16.92 6.45
CA SER C 90 -14.94 -15.97 5.53
C SER C 90 -13.47 -15.68 5.79
N ASP C 91 -13.06 -15.60 7.06
CA ASP C 91 -11.67 -15.34 7.37
C ASP C 91 -10.79 -16.44 6.80
N VAL C 92 -9.77 -16.05 6.03
CA VAL C 92 -8.93 -17.04 5.38
C VAL C 92 -8.13 -17.84 6.40
N ARG C 93 -7.71 -17.19 7.48
CA ARG C 93 -7.00 -17.91 8.54
C ARG C 93 -7.88 -18.99 9.15
N SER C 94 -9.14 -18.66 9.41
CA SER C 94 -10.06 -19.66 9.97
C SER C 94 -10.40 -20.74 8.95
N ARG C 95 -10.47 -20.39 7.66
CA ARG C 95 -10.68 -21.42 6.64
C ARG C 95 -9.49 -22.39 6.59
N ASN C 96 -8.27 -21.87 6.68
CA ASN C 96 -7.11 -22.74 6.72
C ASN C 96 -7.13 -23.61 7.97
N SER C 97 -7.54 -23.05 9.12
CA SER C 97 -7.66 -23.86 10.32
C SER C 97 -8.70 -24.96 10.15
N ALA C 98 -9.87 -24.63 9.62
CA ALA C 98 -10.94 -25.60 9.46
C ALA C 98 -10.59 -26.68 8.45
N SER C 99 -9.74 -26.36 7.46
CA SER C 99 -9.32 -27.38 6.52
C SER C 99 -8.45 -28.45 7.15
N LEU C 100 -7.97 -28.24 8.37
CA LEU C 100 -7.07 -29.16 9.05
C LEU C 100 -7.75 -29.90 10.20
N VAL C 101 -9.04 -30.19 10.05
CA VAL C 101 -9.78 -30.88 11.10
C VAL C 101 -9.93 -32.35 10.74
N CYS C 102 -10.50 -32.64 9.58
CA CYS C 102 -10.67 -34.02 9.14
C CYS C 102 -10.79 -34.03 7.62
N HIS C 103 -10.75 -35.23 7.05
CA HIS C 103 -10.82 -35.36 5.60
C HIS C 103 -12.12 -34.79 5.05
N LYS C 104 -13.24 -35.06 5.72
CA LYS C 104 -14.51 -34.48 5.30
C LYS C 104 -14.48 -32.97 5.38
N TRP C 105 -13.90 -32.42 6.45
CA TRP C 105 -13.80 -30.96 6.57
C TRP C 105 -12.85 -30.38 5.52
N TYR C 106 -11.75 -31.06 5.24
CA TYR C 106 -10.86 -30.59 4.18
C TYR C 106 -11.58 -30.54 2.85
N LEU C 107 -12.34 -31.59 2.53
CA LEU C 107 -13.07 -31.62 1.27
C LEU C 107 -14.13 -30.52 1.21
N LEU C 108 -14.87 -30.32 2.30
CA LEU C 108 -15.90 -29.29 2.30
C LEU C 108 -15.31 -27.90 2.17
N GLU C 109 -14.23 -27.61 2.92
CA GLU C 109 -13.60 -26.31 2.83
C GLU C 109 -13.05 -26.06 1.42
N ARG C 110 -12.42 -27.08 0.82
CA ARG C 110 -11.91 -26.89 -0.53
C ARG C 110 -13.05 -26.73 -1.53
N ALA C 111 -14.21 -27.31 -1.26
CA ALA C 111 -15.34 -27.14 -2.17
C ALA C 111 -15.99 -25.77 -2.03
N THR C 112 -15.93 -25.16 -0.85
CA THR C 112 -16.68 -23.94 -0.59
C THR C 112 -15.83 -22.69 -0.51
N ARG C 113 -14.54 -22.75 -0.83
CA ARG C 113 -13.71 -21.56 -0.77
C ARG C 113 -13.93 -20.73 -2.03
N SER C 114 -14.48 -19.53 -1.88
CA SER C 114 -14.90 -18.73 -3.02
C SER C 114 -13.86 -17.70 -3.45
N ALA C 115 -13.22 -17.02 -2.51
CA ALA C 115 -12.25 -15.97 -2.81
C ALA C 115 -10.86 -16.46 -2.42
N LEU C 116 -9.90 -16.28 -3.33
CA LEU C 116 -8.52 -16.65 -3.10
C LEU C 116 -7.61 -15.53 -3.58
N THR C 117 -6.62 -15.18 -2.78
CA THR C 117 -5.62 -14.18 -3.13
C THR C 117 -4.27 -14.90 -3.17
N LEU C 118 -3.79 -15.21 -4.36
CA LEU C 118 -2.65 -16.10 -4.52
C LEU C 118 -1.41 -15.50 -3.88
N ARG C 119 -0.75 -16.29 -3.03
CA ARG C 119 0.44 -15.89 -2.30
C ARG C 119 1.57 -16.83 -2.69
N GLY C 120 2.65 -16.26 -3.21
CA GLY C 120 3.79 -17.07 -3.59
C GLY C 120 4.72 -16.29 -4.49
N ASN C 121 5.72 -16.98 -4.99
CA ASN C 121 6.70 -16.37 -5.87
C ASN C 121 6.44 -16.80 -7.30
N ILE C 122 6.89 -15.97 -8.23
CA ILE C 122 6.71 -16.26 -9.65
C ILE C 122 7.57 -17.45 -10.07
N ARG C 123 8.68 -17.67 -9.37
CA ARG C 123 9.59 -18.74 -9.74
C ARG C 123 8.97 -20.11 -9.56
N ASP C 124 8.25 -20.32 -8.45
CA ASP C 124 7.66 -21.61 -8.14
C ASP C 124 6.18 -21.64 -8.45
N LEU C 125 5.77 -20.97 -9.53
CA LEU C 125 4.35 -20.93 -9.88
C LEU C 125 3.86 -22.29 -10.35
N PHE C 126 4.76 -23.11 -10.90
CA PHE C 126 4.39 -24.44 -11.38
C PHE C 126 4.10 -25.42 -10.25
N MET C 127 4.38 -25.04 -9.00
CA MET C 127 4.00 -25.82 -7.84
C MET C 127 2.60 -25.49 -7.35
N LEU C 128 1.76 -24.96 -8.22
CA LEU C 128 0.49 -24.37 -7.81
C LEU C 128 -0.44 -25.45 -7.25
N PRO C 129 -1.12 -25.18 -6.14
CA PRO C 129 -2.09 -26.15 -5.63
C PRO C 129 -3.33 -26.18 -6.49
N THR C 130 -3.89 -27.37 -6.68
CA THR C 130 -5.08 -27.54 -7.50
C THR C 130 -6.29 -27.96 -6.69
N CYS C 131 -6.25 -27.80 -5.37
CA CYS C 131 -7.40 -28.10 -4.55
C CYS C 131 -8.49 -27.05 -4.65
N PHE C 132 -8.17 -25.84 -5.07
CA PHE C 132 -9.15 -24.76 -5.16
C PHE C 132 -9.79 -24.75 -6.55
N GLN C 133 -10.54 -25.81 -6.82
CA GLN C 133 -11.23 -25.94 -8.10
C GLN C 133 -12.56 -25.20 -8.13
N SER C 134 -12.97 -24.59 -7.02
CA SER C 134 -14.27 -23.94 -6.94
C SER C 134 -14.18 -22.45 -6.67
N THR C 135 -12.98 -21.88 -6.64
CA THR C 135 -12.85 -20.46 -6.35
C THR C 135 -13.37 -19.62 -7.51
N SER C 136 -14.25 -18.68 -7.21
CA SER C 136 -14.81 -17.80 -8.23
C SER C 136 -14.11 -16.45 -8.30
N HIS C 137 -13.54 -15.98 -7.21
CA HIS C 137 -12.74 -14.76 -7.23
C HIS C 137 -11.28 -15.12 -7.04
N LEU C 138 -10.47 -14.80 -8.05
CA LEU C 138 -9.04 -15.07 -8.03
C LEU C 138 -8.28 -13.75 -8.12
N ASP C 139 -7.31 -13.57 -7.25
CA ASP C 139 -6.54 -12.33 -7.16
C ASP C 139 -5.07 -12.67 -7.38
N LEU C 140 -4.55 -12.30 -8.53
CA LEU C 140 -3.16 -12.57 -8.91
C LEU C 140 -2.28 -11.35 -8.80
N SER C 141 -2.74 -10.27 -8.18
CA SER C 141 -2.00 -9.02 -8.17
C SER C 141 -0.91 -8.96 -7.12
N LEU C 142 -0.86 -9.92 -6.21
CA LEU C 142 0.07 -9.88 -5.08
C LEU C 142 1.07 -11.03 -5.10
N ILE C 143 1.44 -11.50 -6.29
CA ILE C 143 2.45 -12.55 -6.40
C ILE C 143 3.83 -11.91 -6.33
N SER C 144 4.71 -12.52 -5.56
CA SER C 144 6.06 -11.98 -5.44
C SER C 144 6.89 -12.32 -6.68
N PRO C 145 7.78 -11.42 -7.10
CA PRO C 145 8.02 -10.08 -6.56
C PRO C 145 6.86 -9.17 -6.89
N TRP C 146 6.44 -8.28 -5.99
CA TRP C 146 5.23 -7.51 -6.23
C TRP C 146 5.39 -6.62 -7.45
N GLY C 147 4.44 -6.71 -8.37
CA GLY C 147 4.50 -5.96 -9.59
C GLY C 147 5.36 -6.55 -10.68
N HIS C 148 5.98 -7.69 -10.45
CA HIS C 148 6.80 -8.31 -11.47
C HIS C 148 5.92 -8.82 -12.60
N PRO C 149 6.40 -8.78 -13.85
CA PRO C 149 5.57 -9.24 -14.97
C PRO C 149 5.35 -10.75 -14.90
N LEU C 150 4.08 -11.13 -14.81
CA LEU C 150 3.75 -12.56 -14.71
C LEU C 150 4.15 -13.31 -15.97
N THR C 151 3.94 -12.69 -17.13
CA THR C 151 4.32 -13.26 -18.41
C THR C 151 5.38 -12.38 -19.05
N SER C 152 6.48 -12.99 -19.46
CA SER C 152 7.54 -12.29 -20.19
C SER C 152 7.50 -12.74 -21.64
N ALA C 153 7.29 -11.78 -22.55
CA ALA C 153 7.05 -12.13 -23.94
C ALA C 153 8.29 -12.72 -24.61
N ALA C 154 9.47 -12.40 -24.10
CA ALA C 154 10.71 -12.93 -24.66
C ALA C 154 10.85 -14.43 -24.42
N ASP C 155 10.01 -15.01 -23.57
CA ASP C 155 10.09 -16.43 -23.25
C ASP C 155 8.92 -17.16 -23.88
N PRO C 156 9.16 -18.12 -24.78
CA PRO C 156 8.04 -18.93 -25.31
C PRO C 156 7.33 -19.74 -24.26
N ASP C 157 7.99 -20.07 -23.14
CA ASP C 157 7.39 -20.92 -22.13
C ASP C 157 6.22 -20.23 -21.42
N SER C 158 6.12 -18.90 -21.51
CA SER C 158 5.11 -18.18 -20.73
C SER C 158 3.69 -18.58 -21.09
N ALA C 159 3.48 -19.19 -22.25
CA ALA C 159 2.15 -19.67 -22.62
C ALA C 159 1.66 -20.76 -21.68
N LEU C 160 2.58 -21.51 -21.06
CA LEU C 160 2.19 -22.56 -20.12
C LEU C 160 1.54 -22.00 -18.87
N ILE C 161 1.86 -20.76 -18.50
CA ILE C 161 1.30 -20.20 -17.28
C ILE C 161 -0.21 -20.07 -17.41
N GLY C 162 -0.69 -19.69 -18.60
CA GLY C 162 -2.13 -19.58 -18.80
C GLY C 162 -2.84 -20.89 -18.63
N HIS C 163 -2.29 -21.96 -19.22
CA HIS C 163 -2.89 -23.27 -19.06
C HIS C 163 -2.85 -23.74 -17.61
N LEU C 164 -1.74 -23.48 -16.92
CA LEU C 164 -1.63 -23.86 -15.53
C LEU C 164 -2.67 -23.16 -14.67
N LEU C 165 -2.85 -21.86 -14.90
CA LEU C 165 -3.87 -21.10 -14.16
C LEU C 165 -5.26 -21.58 -14.48
N ARG C 166 -5.53 -21.89 -15.75
CA ARG C 166 -6.85 -22.40 -16.12
C ARG C 166 -7.12 -23.74 -15.46
N HIS C 167 -6.12 -24.62 -15.40
CA HIS C 167 -6.33 -25.92 -14.79
C HIS C 167 -6.50 -25.81 -13.28
N ALA C 168 -5.69 -24.96 -12.63
CA ALA C 168 -5.77 -24.84 -11.18
C ALA C 168 -7.08 -24.23 -10.74
N PHE C 169 -7.57 -23.23 -11.47
CA PHE C 169 -8.77 -22.47 -11.10
C PHE C 169 -9.71 -22.39 -12.28
N PRO C 170 -10.42 -23.47 -12.60
CA PRO C 170 -11.28 -23.46 -13.79
C PRO C 170 -12.58 -22.69 -13.63
N SER C 171 -13.00 -22.37 -12.41
CA SER C 171 -14.31 -21.79 -12.17
C SER C 171 -14.22 -20.32 -11.78
N VAL C 172 -13.25 -19.59 -12.30
CA VAL C 172 -13.04 -18.20 -11.95
C VAL C 172 -13.99 -17.33 -12.75
N THR C 173 -14.76 -16.47 -12.06
CA THR C 173 -15.58 -15.47 -12.71
C THR C 173 -15.15 -14.04 -12.41
N SER C 174 -14.30 -13.84 -11.40
CA SER C 174 -13.80 -12.53 -11.04
C SER C 174 -12.27 -12.62 -10.91
N LEU C 175 -11.57 -11.75 -11.62
CA LEU C 175 -10.12 -11.82 -11.71
C LEU C 175 -9.50 -10.46 -11.45
N ALA C 176 -8.43 -10.45 -10.65
CA ALA C 176 -7.61 -9.27 -10.42
C ALA C 176 -6.17 -9.65 -10.70
N ILE C 177 -5.57 -9.01 -11.70
CA ILE C 177 -4.22 -9.36 -12.12
C ILE C 177 -3.41 -8.09 -12.28
N TYR C 178 -2.11 -8.17 -12.00
CA TYR C 178 -1.21 -7.05 -12.19
C TYR C 178 -0.79 -7.02 -13.64
N ALA C 179 -1.29 -6.03 -14.38
CA ALA C 179 -1.11 -5.97 -15.83
C ALA C 179 0.12 -5.12 -16.17
N ARG C 180 1.28 -5.63 -15.77
CA ARG C 180 2.51 -4.92 -16.04
C ARG C 180 2.78 -4.80 -17.54
N ASP C 181 2.53 -5.88 -18.28
CA ASP C 181 2.82 -5.94 -19.70
C ASP C 181 1.60 -6.41 -20.48
N PRO C 182 1.49 -6.03 -21.76
CA PRO C 182 0.36 -6.53 -22.57
C PRO C 182 0.34 -8.04 -22.70
N SER C 183 1.50 -8.68 -22.71
CA SER C 183 1.54 -10.14 -22.87
C SER C 183 0.85 -10.85 -21.72
N THR C 184 0.99 -10.32 -20.51
CA THR C 184 0.34 -10.93 -19.36
C THR C 184 -1.17 -10.94 -19.54
N ILE C 185 -1.73 -9.82 -19.95
CA ILE C 185 -3.17 -9.75 -20.22
C ILE C 185 -3.54 -10.74 -21.31
N HIS C 186 -2.82 -10.70 -22.43
CA HIS C 186 -3.12 -11.54 -23.58
C HIS C 186 -3.04 -13.03 -23.26
N ILE C 187 -2.24 -13.42 -22.28
CA ILE C 187 -2.09 -14.84 -21.96
C ILE C 187 -3.03 -15.28 -20.86
N VAL C 188 -3.28 -14.44 -19.85
CA VAL C 188 -4.07 -14.87 -18.70
C VAL C 188 -5.55 -14.57 -18.86
N VAL C 189 -5.90 -13.36 -19.30
CA VAL C 189 -7.32 -12.99 -19.35
C VAL C 189 -8.13 -13.87 -20.30
N PRO C 190 -7.66 -14.22 -21.50
CA PRO C 190 -8.46 -15.12 -22.36
C PRO C 190 -8.63 -16.52 -21.81
N GLN C 191 -7.94 -16.89 -20.74
CA GLN C 191 -8.07 -18.24 -20.21
C GLN C 191 -9.46 -18.54 -19.68
N TRP C 192 -10.24 -17.53 -19.36
CA TRP C 192 -11.60 -17.73 -18.84
C TRP C 192 -12.60 -16.99 -19.70
N PRO C 193 -13.25 -17.66 -20.66
CA PRO C 193 -14.31 -16.99 -21.45
C PRO C 193 -15.46 -16.50 -20.60
N ASP C 194 -15.80 -17.21 -19.53
CA ASP C 194 -16.92 -16.83 -18.67
C ASP C 194 -16.51 -15.83 -17.60
N LEU C 195 -15.43 -15.10 -17.81
CA LEU C 195 -15.04 -14.06 -16.88
C LEU C 195 -16.07 -12.94 -16.88
N GLU C 196 -16.44 -12.49 -15.69
CA GLU C 196 -17.44 -11.45 -15.51
C GLU C 196 -16.88 -10.13 -15.03
N ARG C 197 -15.97 -10.15 -14.05
CA ARG C 197 -15.36 -8.95 -13.51
C ARG C 197 -13.85 -9.02 -13.66
N LEU C 198 -13.24 -7.90 -14.05
CA LEU C 198 -11.80 -7.84 -14.23
C LEU C 198 -11.28 -6.57 -13.58
N LYS C 199 -10.20 -6.70 -12.84
CA LYS C 199 -9.53 -5.57 -12.22
C LYS C 199 -8.07 -5.59 -12.62
N LEU C 200 -7.64 -4.59 -13.37
CA LEU C 200 -6.25 -4.46 -13.80
C LEU C 200 -5.55 -3.52 -12.85
N VAL C 201 -4.34 -3.90 -12.43
CA VAL C 201 -3.54 -3.11 -11.51
C VAL C 201 -2.20 -2.83 -12.18
N ARG C 202 -1.81 -1.56 -12.19
CA ARG C 202 -0.47 -1.19 -12.68
C ARG C 202 -0.08 0.14 -12.08
N TRP C 203 1.02 0.16 -11.34
CA TRP C 203 1.58 1.39 -10.83
C TRP C 203 2.86 1.80 -11.54
N HIS C 204 3.38 0.95 -12.43
CA HIS C 204 4.57 1.26 -13.20
C HIS C 204 4.19 2.07 -14.43
N GLN C 205 5.20 2.47 -15.20
CA GLN C 205 4.96 3.30 -16.37
C GLN C 205 4.20 2.53 -17.44
N ARG C 206 3.50 3.27 -18.27
CA ARG C 206 2.81 2.69 -19.41
C ARG C 206 3.82 2.34 -20.50
N PRO C 207 3.87 1.10 -20.98
CA PRO C 207 4.77 0.78 -22.09
C PRO C 207 4.38 1.55 -23.35
N GLN C 208 5.38 1.91 -24.14
CA GLN C 208 5.12 2.62 -25.39
C GLN C 208 4.63 1.63 -26.44
N THR C 209 3.49 1.93 -27.05
CA THR C 209 2.90 1.09 -28.09
C THR C 209 2.74 1.89 -29.37
N ASP C 210 2.25 1.22 -30.40
CA ASP C 210 2.03 1.86 -31.69
C ASP C 210 0.93 2.92 -31.60
N ALA C 211 -0.23 2.54 -31.05
CA ALA C 211 -1.35 3.47 -30.97
C ALA C 211 -1.92 3.50 -29.55
N ALA C 212 -3.04 4.19 -29.37
CA ALA C 212 -3.71 4.24 -28.09
C ALA C 212 -4.74 3.13 -28.01
N GLY C 213 -4.96 2.62 -26.80
CA GLY C 213 -5.93 1.58 -26.58
C GLY C 213 -5.47 0.19 -26.92
N ASP C 214 -4.23 0.04 -27.41
CA ASP C 214 -3.74 -1.28 -27.80
C ASP C 214 -3.64 -2.22 -26.59
N GLU C 215 -3.16 -1.71 -25.46
CA GLU C 215 -3.09 -2.55 -24.27
C GLU C 215 -4.47 -3.00 -23.82
N LEU C 216 -5.44 -2.10 -23.87
CA LEU C 216 -6.80 -2.42 -23.45
C LEU C 216 -7.63 -3.10 -24.53
N LYS C 217 -7.18 -3.06 -25.79
CA LYS C 217 -7.87 -3.79 -26.83
C LYS C 217 -7.64 -5.29 -26.75
N LEU C 218 -6.62 -5.70 -26.00
CA LEU C 218 -6.42 -7.13 -25.77
C LEU C 218 -7.49 -7.71 -24.86
N LEU C 219 -8.16 -6.87 -24.07
CA LEU C 219 -9.26 -7.33 -23.23
C LEU C 219 -10.45 -7.79 -24.06
N ILE C 220 -10.71 -7.12 -25.18
CA ILE C 220 -11.97 -7.30 -25.90
C ILE C 220 -11.92 -8.68 -26.57
N SER C 221 -12.52 -9.67 -25.92
CA SER C 221 -12.60 -11.01 -26.47
C SER C 221 -13.95 -11.18 -27.16
N GLU C 222 -13.93 -11.77 -28.35
CA GLU C 222 -15.12 -11.95 -29.17
C GLU C 222 -15.79 -13.31 -28.94
N CYS C 223 -15.62 -13.86 -27.73
CA CYS C 223 -16.24 -15.14 -27.39
C CYS C 223 -16.88 -15.12 -26.00
N GLY C 224 -17.08 -13.94 -25.41
CA GLY C 224 -17.60 -13.85 -24.07
C GLY C 224 -18.28 -12.54 -23.75
N THR C 225 -18.51 -12.28 -22.47
CA THR C 225 -19.19 -11.05 -22.03
C THR C 225 -18.63 -10.63 -20.67
N LEU C 226 -17.75 -9.64 -20.68
CA LEU C 226 -17.31 -8.99 -19.45
C LEU C 226 -18.34 -7.95 -19.04
N LYS C 227 -18.65 -7.90 -17.75
CA LYS C 227 -19.68 -6.99 -17.26
C LYS C 227 -19.13 -5.85 -16.42
N SER C 228 -17.98 -6.00 -15.79
CA SER C 228 -17.41 -4.95 -14.97
C SER C 228 -15.92 -4.85 -15.23
N LEU C 229 -15.44 -3.62 -15.36
CA LEU C 229 -14.03 -3.34 -15.59
C LEU C 229 -13.58 -2.28 -14.60
N ASP C 230 -12.51 -2.56 -13.87
CA ASP C 230 -12.03 -1.69 -12.80
C ASP C 230 -10.62 -1.24 -13.14
N LEU C 231 -10.47 0.00 -13.59
CA LEU C 231 -9.17 0.56 -13.92
C LEU C 231 -8.72 1.62 -12.92
N SER C 232 -9.27 1.59 -11.70
CA SER C 232 -8.94 2.60 -10.71
C SER C 232 -7.50 2.51 -10.24
N SER C 233 -6.84 1.37 -10.45
CA SER C 233 -5.44 1.20 -10.08
C SER C 233 -4.56 0.91 -11.28
N PHE C 234 -5.10 0.94 -12.49
CA PHE C 234 -4.37 0.63 -13.70
C PHE C 234 -3.93 1.94 -14.35
N TYR C 235 -2.66 2.29 -14.18
CA TYR C 235 -2.15 3.50 -14.81
C TYR C 235 -2.05 3.30 -16.31
N CYS C 236 -2.60 4.26 -17.05
CA CYS C 236 -2.53 4.28 -18.51
C CYS C 236 -2.69 5.73 -18.94
N TRP C 237 -2.90 5.92 -20.23
CA TRP C 237 -3.24 7.23 -20.76
C TRP C 237 -4.76 7.36 -20.82
N THR C 238 -5.27 8.55 -20.51
CA THR C 238 -6.72 8.73 -20.48
C THR C 238 -7.37 8.54 -21.85
N ASP C 239 -6.60 8.63 -22.93
CA ASP C 239 -7.14 8.37 -24.26
C ASP C 239 -7.10 6.89 -24.64
N ASP C 240 -6.49 6.04 -23.83
CA ASP C 240 -6.54 4.61 -24.10
C ASP C 240 -7.95 4.06 -23.92
N VAL C 241 -8.66 4.52 -22.89
CA VAL C 241 -9.98 3.97 -22.60
C VAL C 241 -10.99 4.27 -23.70
N PRO C 242 -11.19 5.52 -24.14
CA PRO C 242 -12.13 5.75 -25.24
C PRO C 242 -11.73 5.04 -26.52
N ALA C 243 -10.43 4.94 -26.78
CA ALA C 243 -9.97 4.23 -27.97
C ALA C 243 -10.30 2.75 -27.89
N ALA C 244 -10.14 2.14 -26.72
CA ALA C 244 -10.43 0.72 -26.59
C ALA C 244 -11.93 0.45 -26.64
N LEU C 245 -12.73 1.29 -25.95
CA LEU C 245 -14.17 1.07 -25.95
C LEU C 245 -14.79 1.33 -27.31
N GLY C 246 -14.15 2.17 -28.13
CA GLY C 246 -14.67 2.45 -29.45
C GLY C 246 -14.33 1.45 -30.52
N SER C 247 -13.49 0.47 -30.21
CA SER C 247 -13.10 -0.54 -31.20
C SER C 247 -14.06 -1.71 -31.27
N CYS C 248 -14.97 -1.86 -30.29
CA CYS C 248 -15.95 -2.94 -30.30
C CYS C 248 -17.16 -2.47 -29.52
N PRO C 249 -18.24 -2.09 -30.21
CA PRO C 249 -19.43 -1.62 -29.50
C PRO C 249 -20.09 -2.65 -28.61
N THR C 250 -19.99 -3.93 -28.96
CA THR C 250 -20.59 -4.97 -28.13
C THR C 250 -19.93 -5.03 -26.76
N PHE C 251 -18.60 -4.94 -26.71
CA PHE C 251 -17.89 -4.98 -25.45
C PHE C 251 -18.32 -3.83 -24.54
N ALA C 252 -18.46 -2.64 -25.10
CA ALA C 252 -18.90 -1.50 -24.31
C ALA C 252 -20.35 -1.66 -23.87
N ALA C 253 -21.21 -2.17 -24.75
CA ALA C 253 -22.61 -2.34 -24.40
C ALA C 253 -22.82 -3.38 -23.31
N ASN C 254 -21.95 -4.39 -23.25
CA ASN C 254 -22.07 -5.41 -22.21
C ASN C 254 -21.60 -4.94 -20.85
N LEU C 255 -20.99 -3.76 -20.74
CA LEU C 255 -20.46 -3.29 -19.48
C LEU C 255 -21.57 -2.74 -18.59
N LYS C 256 -21.62 -3.21 -17.35
CA LYS C 256 -22.54 -2.68 -16.36
C LYS C 256 -21.86 -1.76 -15.35
N SER C 257 -20.55 -1.88 -15.17
CA SER C 257 -19.80 -1.07 -14.24
C SER C 257 -18.47 -0.71 -14.86
N LEU C 258 -18.08 0.56 -14.74
CA LEU C 258 -16.83 1.05 -15.31
C LEU C 258 -16.17 1.95 -14.28
N ASN C 259 -15.05 1.51 -13.72
CA ASN C 259 -14.34 2.23 -12.67
C ASN C 259 -13.05 2.79 -13.28
N LEU C 260 -13.09 4.07 -13.65
CA LEU C 260 -11.93 4.75 -14.21
C LEU C 260 -11.33 5.74 -13.22
N LEU C 261 -11.64 5.58 -11.93
CA LEU C 261 -11.28 6.55 -10.91
C LEU C 261 -9.86 6.29 -10.43
N ASN C 262 -8.91 6.70 -11.27
CA ASN C 262 -7.50 6.51 -10.98
C ASN C 262 -6.89 7.85 -10.58
N SER C 263 -6.25 7.87 -9.41
CA SER C 263 -5.58 9.07 -8.93
C SER C 263 -4.21 9.28 -9.55
N SER C 264 -3.73 8.29 -10.30
CA SER C 264 -2.41 8.36 -10.92
C SER C 264 -2.43 9.00 -12.30
N PHE C 265 -3.60 9.39 -12.80
CA PHE C 265 -3.66 10.08 -14.08
C PHE C 265 -2.97 11.43 -13.97
N SER C 266 -2.09 11.72 -14.93
CA SER C 266 -1.43 13.02 -14.96
C SER C 266 -2.44 14.14 -15.11
N GLU C 267 -3.40 13.97 -16.00
CA GLU C 267 -4.58 14.80 -16.07
C GLU C 267 -5.79 13.89 -16.21
N GLY C 268 -6.94 14.37 -15.77
CA GLY C 268 -8.15 13.59 -15.89
C GLY C 268 -8.63 13.51 -17.33
N PHE C 269 -9.75 12.82 -17.50
CA PHE C 269 -10.37 12.74 -18.82
C PHE C 269 -10.85 14.12 -19.26
N LYS C 270 -10.66 14.41 -20.53
CA LYS C 270 -11.22 15.62 -21.12
C LYS C 270 -12.72 15.48 -21.31
N SER C 271 -13.37 16.58 -21.68
CA SER C 271 -14.80 16.54 -21.94
C SER C 271 -15.11 15.59 -23.09
N ASP C 272 -14.33 15.65 -24.15
CA ASP C 272 -14.59 14.83 -25.33
C ASP C 272 -14.41 13.35 -25.03
N GLU C 273 -13.39 13.01 -24.25
CA GLU C 273 -13.18 11.62 -23.86
C GLU C 273 -14.34 11.10 -23.02
N ILE C 274 -14.83 11.93 -22.09
CA ILE C 274 -15.97 11.52 -21.28
C ILE C 274 -17.20 11.30 -22.15
N LYS C 275 -17.42 12.19 -23.11
CA LYS C 275 -18.54 12.01 -24.04
C LYS C 275 -18.41 10.70 -24.80
N ALA C 276 -17.21 10.39 -25.30
CA ALA C 276 -17.02 9.15 -26.04
C ALA C 276 -17.25 7.93 -25.17
N ILE C 277 -16.75 7.96 -23.93
CA ILE C 277 -16.89 6.82 -23.03
C ILE C 277 -18.36 6.59 -22.69
N THR C 278 -19.08 7.65 -22.34
CA THR C 278 -20.49 7.49 -22.01
C THR C 278 -21.31 7.07 -23.22
N LYS C 279 -20.99 7.63 -24.39
CA LYS C 279 -21.73 7.26 -25.61
C LYS C 279 -21.53 5.79 -25.95
N ALA C 280 -20.30 5.28 -25.79
CA ALA C 280 -20.05 3.90 -26.17
C ALA C 280 -20.73 2.91 -25.22
N CYS C 281 -20.96 3.30 -23.96
CA CYS C 281 -21.46 2.39 -22.94
C CYS C 281 -22.82 2.88 -22.45
N PRO C 282 -23.92 2.52 -23.13
CA PRO C 282 -25.23 3.01 -22.73
C PRO C 282 -25.87 2.24 -21.58
N ASN C 283 -25.40 1.04 -21.27
CA ASN C 283 -26.02 0.20 -20.26
C ASN C 283 -25.32 0.28 -18.91
N LEU C 284 -24.44 1.27 -18.72
CA LEU C 284 -23.72 1.38 -17.46
C LEU C 284 -24.69 1.53 -16.29
N ARG C 285 -24.38 0.83 -15.20
CA ARG C 285 -25.06 1.02 -13.92
C ARG C 285 -24.20 1.77 -12.91
N GLU C 286 -22.88 1.66 -13.02
CA GLU C 286 -21.93 2.38 -12.18
C GLU C 286 -20.89 3.03 -13.07
N PHE C 287 -20.56 4.29 -12.79
CA PHE C 287 -19.55 5.01 -13.55
C PHE C 287 -18.74 5.88 -12.61
N ARG C 288 -17.44 5.63 -12.52
CA ARG C 288 -16.52 6.42 -11.73
C ARG C 288 -15.38 6.86 -12.62
N ALA C 289 -15.02 8.14 -12.54
CA ALA C 289 -13.98 8.66 -13.42
C ALA C 289 -13.24 9.80 -12.77
N SER C 290 -11.94 9.89 -13.05
CA SER C 290 -11.12 11.03 -12.66
C SER C 290 -11.14 12.01 -13.82
N CYS C 291 -11.86 13.10 -13.67
CA CYS C 291 -12.07 14.04 -14.77
C CYS C 291 -11.24 15.30 -14.56
N MET C 292 -11.07 16.05 -15.64
CA MET C 292 -10.30 17.29 -15.63
C MET C 292 -11.31 18.44 -15.61
N PHE C 293 -11.60 18.96 -14.43
CA PHE C 293 -12.57 20.03 -14.27
C PHE C 293 -11.96 21.41 -14.21
N ASP C 294 -10.63 21.51 -14.17
CA ASP C 294 -10.01 22.81 -13.99
C ASP C 294 -10.18 23.63 -15.26
N PRO C 295 -10.83 24.81 -15.19
CA PRO C 295 -11.07 25.58 -16.42
C PRO C 295 -9.81 26.24 -16.97
N ARG C 296 -8.65 26.03 -16.35
CA ARG C 296 -7.42 26.60 -16.88
C ARG C 296 -6.93 25.85 -18.11
N TYR C 297 -7.28 24.57 -18.25
CA TYR C 297 -6.76 23.72 -19.31
C TYR C 297 -7.80 23.57 -20.43
N ILE C 298 -7.29 23.49 -21.66
CA ILE C 298 -8.17 23.35 -22.81
C ILE C 298 -8.70 21.93 -22.88
N GLY C 299 -10.01 21.80 -23.03
CA GLY C 299 -10.65 20.50 -23.01
C GLY C 299 -11.16 20.08 -21.65
N HIS C 300 -11.26 21.00 -20.70
CA HIS C 300 -11.74 20.66 -19.37
C HIS C 300 -13.17 20.15 -19.41
N ALA C 301 -13.48 19.24 -18.50
CA ALA C 301 -14.85 18.77 -18.36
C ALA C 301 -15.72 19.89 -17.80
N GLY C 302 -16.92 20.03 -18.36
CA GLY C 302 -17.78 21.10 -17.93
C GLY C 302 -19.24 20.73 -17.85
N ASP C 303 -20.13 21.68 -18.12
CA ASP C 303 -21.56 21.41 -18.10
C ASP C 303 -21.93 20.41 -19.18
N GLU C 304 -21.35 20.55 -20.37
CA GLU C 304 -21.71 19.68 -21.48
C GLU C 304 -21.35 18.23 -21.17
N ALA C 305 -20.23 18.01 -20.48
CA ALA C 305 -19.83 16.65 -20.12
C ALA C 305 -20.86 16.01 -19.19
N LEU C 306 -21.31 16.73 -18.17
CA LEU C 306 -22.31 16.18 -17.26
C LEU C 306 -23.63 15.93 -17.96
N VAL C 307 -24.03 16.85 -18.84
CA VAL C 307 -25.26 16.67 -19.60
C VAL C 307 -25.16 15.42 -20.46
N SER C 308 -24.03 15.21 -21.12
CA SER C 308 -23.83 14.03 -21.94
C SER C 308 -23.83 12.76 -21.10
N ILE C 309 -23.27 12.81 -19.90
CA ILE C 309 -23.32 11.64 -19.02
C ILE C 309 -24.77 11.31 -18.69
N SER C 310 -25.56 12.33 -18.37
CA SER C 310 -26.96 12.09 -18.04
C SER C 310 -27.73 11.53 -19.23
N VAL C 311 -27.46 12.05 -20.43
CA VAL C 311 -28.20 11.60 -21.61
C VAL C 311 -27.80 10.17 -21.98
N ASN C 312 -26.50 9.89 -22.00
CA ASN C 312 -26.02 8.63 -22.58
C ASN C 312 -26.29 7.44 -21.69
N CYS C 313 -26.29 7.63 -20.36
CA CYS C 313 -26.42 6.53 -19.41
C CYS C 313 -27.56 6.84 -18.45
N PRO C 314 -28.81 6.65 -18.87
CA PRO C 314 -29.93 6.93 -17.97
C PRO C 314 -30.07 5.94 -16.83
N LYS C 315 -29.48 4.76 -16.95
CA LYS C 315 -29.66 3.68 -15.99
C LYS C 315 -28.62 3.71 -14.87
N LEU C 316 -27.85 4.79 -14.76
CA LEU C 316 -26.80 4.87 -13.75
C LEU C 316 -27.38 4.85 -12.35
N GLU C 317 -26.81 4.01 -11.49
CA GLU C 317 -27.12 4.01 -10.07
C GLU C 317 -26.03 4.66 -9.22
N ILE C 318 -24.77 4.51 -9.60
CA ILE C 318 -23.65 5.14 -8.92
C ILE C 318 -22.94 6.03 -9.92
N LEU C 319 -22.79 7.30 -9.57
CA LEU C 319 -22.03 8.26 -10.39
C LEU C 319 -21.03 8.94 -9.49
N HIS C 320 -19.75 8.69 -9.73
CA HIS C 320 -18.66 9.25 -8.93
C HIS C 320 -17.71 9.98 -9.87
N LEU C 321 -17.72 11.30 -9.80
CA LEU C 321 -16.85 12.12 -10.63
C LEU C 321 -15.98 12.97 -9.70
N ALA C 322 -14.68 12.96 -9.96
CA ALA C 322 -13.76 13.72 -9.13
C ALA C 322 -12.59 14.19 -9.97
N ASP C 323 -12.03 15.34 -9.58
CA ASP C 323 -10.79 15.78 -10.18
C ASP C 323 -9.65 14.92 -9.65
N THR C 324 -8.62 14.73 -10.50
CA THR C 324 -7.50 13.90 -10.11
C THR C 324 -6.83 14.41 -8.84
N ASN C 325 -6.65 15.72 -8.74
CA ASN C 325 -6.05 16.30 -7.54
C ASN C 325 -6.93 16.06 -6.31
N ALA C 326 -8.24 15.94 -6.50
CA ALA C 326 -9.13 15.65 -5.38
C ALA C 326 -8.96 14.23 -4.85
N LEU C 327 -8.27 13.35 -5.59
CA LEU C 327 -8.02 11.98 -5.16
C LEU C 327 -6.62 11.79 -4.58
N SER C 328 -5.88 12.88 -4.37
CA SER C 328 -4.52 12.76 -3.90
C SER C 328 -4.47 12.40 -2.42
N SER C 329 -3.49 11.58 -2.05
CA SER C 329 -3.27 11.23 -0.65
C SER C 329 -2.77 12.43 0.15
N ALA C 330 -1.98 13.30 -0.47
CA ALA C 330 -1.50 14.49 0.20
C ALA C 330 -2.57 15.57 0.16
N ARG C 331 -2.90 16.11 1.33
CA ARG C 331 -3.92 17.15 1.42
C ARG C 331 -3.51 18.40 0.68
N SER C 332 -2.21 18.68 0.59
CA SER C 332 -1.74 19.89 -0.07
C SER C 332 -2.07 19.90 -1.55
N ASP C 333 -2.40 18.74 -2.14
CA ASP C 333 -2.76 18.71 -3.55
C ASP C 333 -4.18 19.20 -3.82
N PHE C 334 -5.14 18.91 -2.93
CA PHE C 334 -6.51 19.32 -3.17
C PHE C 334 -7.00 20.44 -2.25
N ASP C 335 -6.36 20.66 -1.13
CA ASP C 335 -6.84 21.68 -0.21
C ASP C 335 -6.56 23.06 -0.78
N PRO C 336 -7.58 23.90 -0.99
CA PRO C 336 -7.32 25.25 -1.52
C PRO C 336 -6.47 26.10 -0.59
N ASP C 337 -6.55 25.86 0.72
CA ASP C 337 -5.71 26.60 1.67
C ASP C 337 -4.24 26.32 1.43
N GLU C 338 -3.90 25.07 1.12
CA GLU C 338 -2.51 24.64 1.03
C GLU C 338 -1.96 24.69 -0.39
N ARG C 339 -2.73 25.16 -1.36
CA ARG C 339 -2.27 25.27 -2.74
C ARG C 339 -1.83 26.70 -3.02
N GLU C 340 -0.79 26.84 -3.84
CA GLU C 340 -0.20 28.15 -4.13
C GLU C 340 -1.11 28.95 -5.04
N GLY C 341 -2.27 29.35 -4.54
CA GLY C 341 -3.23 30.10 -5.33
C GLY C 341 -4.01 29.26 -6.31
N LEU C 342 -3.70 27.98 -6.44
CA LEU C 342 -4.46 27.12 -7.33
C LEU C 342 -5.87 26.91 -6.80
N GLY C 343 -6.78 26.55 -7.70
CA GLY C 343 -8.17 26.53 -7.32
C GLY C 343 -8.67 27.95 -7.08
N GLN C 344 -9.64 28.06 -6.17
CA GLN C 344 -10.23 29.35 -5.81
C GLN C 344 -10.80 30.07 -7.03
N GLU C 345 -11.19 29.31 -8.05
CA GLU C 345 -11.83 29.85 -9.24
C GLU C 345 -13.02 28.98 -9.58
N GLU C 346 -14.10 29.62 -10.01
CA GLU C 346 -15.35 28.91 -10.25
C GLU C 346 -15.21 27.95 -11.43
N ALA C 347 -15.80 26.78 -11.29
CA ALA C 347 -15.78 25.76 -12.33
C ALA C 347 -16.93 25.99 -13.32
N LYS C 348 -16.81 25.35 -14.48
CA LYS C 348 -17.79 25.54 -15.54
C LYS C 348 -19.02 24.68 -15.31
N ILE C 349 -19.59 24.76 -14.11
CA ILE C 349 -20.80 24.02 -13.75
C ILE C 349 -21.81 25.02 -13.21
N ASN C 350 -23.04 24.92 -13.67
CA ASN C 350 -24.11 25.82 -13.26
C ASN C 350 -25.19 25.06 -12.52
N ALA C 351 -26.00 25.79 -11.77
CA ALA C 351 -27.11 25.18 -11.06
C ALA C 351 -28.11 24.57 -12.02
N ALA C 352 -28.38 25.25 -13.14
CA ALA C 352 -29.30 24.72 -14.14
C ALA C 352 -28.78 23.42 -14.74
N THR C 353 -27.47 23.37 -15.03
CA THR C 353 -26.88 22.15 -15.58
C THR C 353 -27.04 20.98 -14.61
N LEU C 354 -26.77 21.23 -13.32
CA LEU C 354 -26.95 20.17 -12.34
C LEU C 354 -28.41 19.76 -12.23
N ILE C 355 -29.33 20.71 -12.36
CA ILE C 355 -30.75 20.38 -12.33
C ILE C 355 -31.09 19.42 -13.47
N GLU C 356 -30.60 19.74 -14.68
CA GLU C 356 -30.88 18.86 -15.82
C GLU C 356 -30.25 17.49 -15.62
N VAL C 357 -29.00 17.45 -15.13
CA VAL C 357 -28.31 16.17 -14.93
C VAL C 357 -29.07 15.31 -13.94
N PHE C 358 -29.47 15.89 -12.80
CA PHE C 358 -30.22 15.14 -11.81
C PHE C 358 -31.58 14.71 -12.35
N SER C 359 -32.21 15.56 -13.17
CA SER C 359 -33.49 15.18 -13.76
C SER C 359 -33.33 13.99 -14.69
N GLY C 360 -32.19 13.88 -15.36
CA GLY C 360 -31.97 12.75 -16.25
C GLY C 360 -31.56 11.46 -15.58
N LEU C 361 -31.34 11.46 -14.26
CA LEU C 361 -30.83 10.30 -13.54
C LEU C 361 -31.82 9.93 -12.44
N PRO C 362 -32.88 9.21 -12.79
CA PRO C 362 -33.92 8.89 -11.80
C PRO C 362 -33.53 7.80 -10.84
N LEU C 363 -32.68 6.88 -11.28
CA LEU C 363 -32.28 5.71 -10.50
C LEU C 363 -31.02 5.93 -9.69
N LEU C 364 -30.57 7.17 -9.56
CA LEU C 364 -29.34 7.46 -8.84
C LEU C 364 -29.47 7.05 -7.38
N GLU C 365 -28.46 6.36 -6.87
CA GLU C 365 -28.41 5.94 -5.48
C GLU C 365 -27.21 6.47 -4.73
N GLU C 366 -26.08 6.68 -5.40
CA GLU C 366 -24.86 7.19 -4.80
C GLU C 366 -24.27 8.24 -5.71
N LEU C 367 -24.10 9.45 -5.20
CA LEU C 367 -23.63 10.57 -6.00
C LEU C 367 -22.42 11.20 -5.34
N ALA C 368 -21.34 11.35 -6.10
CA ALA C 368 -20.13 11.99 -5.60
C ALA C 368 -19.58 12.90 -6.69
N LEU C 369 -19.45 14.19 -6.38
CA LEU C 369 -18.88 15.18 -7.29
C LEU C 369 -17.82 15.94 -6.50
N ASP C 370 -16.59 15.42 -6.49
CA ASP C 370 -15.49 15.98 -5.70
C ASP C 370 -14.64 16.84 -6.63
N LEU C 371 -14.89 18.13 -6.65
CA LEU C 371 -14.18 19.06 -7.51
C LEU C 371 -13.11 19.80 -6.73
N CYS C 372 -12.14 20.34 -7.47
CA CYS C 372 -11.14 21.24 -6.91
C CYS C 372 -11.34 22.68 -7.34
N ASN C 373 -12.47 22.99 -7.98
CA ASN C 373 -12.82 24.36 -8.34
C ASN C 373 -14.21 24.69 -7.79
N ASN C 374 -14.36 25.91 -7.29
CA ASN C 374 -15.56 26.26 -6.54
C ASN C 374 -16.80 26.21 -7.41
N VAL C 375 -17.89 25.73 -6.84
CA VAL C 375 -19.22 25.83 -7.43
C VAL C 375 -20.10 26.56 -6.43
N ARG C 376 -20.72 27.64 -6.87
CA ARG C 376 -21.50 28.49 -5.99
C ARG C 376 -22.98 28.39 -6.33
N ASP C 377 -23.82 28.61 -5.30
CA ASP C 377 -25.28 28.62 -5.44
C ASP C 377 -25.80 27.28 -5.93
N SER C 378 -25.29 26.20 -5.32
CA SER C 378 -25.68 24.86 -5.70
C SER C 378 -26.88 24.34 -4.91
N GLY C 379 -27.46 25.16 -4.04
CA GLY C 379 -28.57 24.74 -3.22
C GLY C 379 -29.80 24.29 -3.98
N PRO C 380 -30.27 25.09 -4.94
CA PRO C 380 -31.44 24.67 -5.73
C PRO C 380 -31.24 23.34 -6.44
N ALA C 381 -30.04 23.08 -6.95
CA ALA C 381 -29.76 21.79 -7.57
C ALA C 381 -29.91 20.66 -6.57
N LEU C 382 -29.39 20.85 -5.36
CA LEU C 382 -29.51 19.79 -4.35
C LEU C 382 -30.94 19.63 -3.89
N GLU C 383 -31.75 20.68 -3.96
CA GLU C 383 -33.18 20.53 -3.69
C GLU C 383 -33.87 19.71 -4.77
N VAL C 384 -33.51 19.96 -6.03
CA VAL C 384 -34.04 19.14 -7.13
C VAL C 384 -33.61 17.69 -6.96
N LEU C 385 -32.43 17.47 -6.37
CA LEU C 385 -31.94 16.12 -6.14
C LEU C 385 -32.94 15.28 -5.36
N ASN C 386 -33.50 15.84 -4.29
CA ASN C 386 -34.39 15.06 -3.43
C ASN C 386 -35.63 14.61 -4.19
N SER C 387 -36.20 15.49 -5.01
CA SER C 387 -37.44 15.15 -5.71
C SER C 387 -37.18 14.19 -6.87
N LYS C 388 -36.13 14.43 -7.65
CA LYS C 388 -35.91 13.64 -8.86
C LYS C 388 -35.10 12.36 -8.62
N CYS C 389 -34.53 12.19 -7.44
CA CYS C 389 -33.72 11.01 -7.11
C CYS C 389 -34.22 10.44 -5.78
N PRO C 390 -35.32 9.69 -5.81
CA PRO C 390 -35.84 9.10 -4.57
C PRO C 390 -34.94 8.03 -3.96
N LYS C 391 -34.10 7.37 -4.76
CA LYS C 391 -33.27 6.28 -4.27
C LYS C 391 -31.96 6.76 -3.65
N LEU C 392 -31.72 8.06 -3.63
CA LEU C 392 -30.43 8.58 -3.19
C LEU C 392 -30.18 8.23 -1.74
N LYS C 393 -28.99 7.70 -1.46
CA LYS C 393 -28.62 7.32 -0.10
C LYS C 393 -27.31 7.98 0.29
N SER C 394 -26.45 8.23 -0.69
CA SER C 394 -25.10 8.75 -0.43
C SER C 394 -24.87 9.99 -1.27
N VAL C 395 -24.35 11.03 -0.65
CA VAL C 395 -23.96 12.25 -1.34
C VAL C 395 -22.58 12.67 -0.87
N LYS C 396 -21.67 12.89 -1.81
CA LYS C 396 -20.34 13.39 -1.53
C LYS C 396 -20.08 14.59 -2.39
N LEU C 397 -19.75 15.72 -1.78
CA LEU C 397 -19.59 16.98 -2.50
C LEU C 397 -18.22 17.58 -2.20
N GLY C 398 -17.58 18.08 -3.24
CA GLY C 398 -16.31 18.77 -3.09
C GLY C 398 -16.37 20.19 -3.60
N GLN C 399 -16.22 21.16 -2.70
CA GLN C 399 -16.22 22.58 -3.04
C GLN C 399 -17.54 23.01 -3.68
N PHE C 400 -18.64 22.49 -3.17
CA PHE C 400 -19.98 22.91 -3.56
C PHE C 400 -20.47 23.90 -2.52
N HIS C 401 -20.36 25.19 -2.83
CA HIS C 401 -20.70 26.24 -1.89
C HIS C 401 -22.19 26.56 -1.95
N GLY C 402 -22.67 27.27 -0.94
CA GLY C 402 -24.10 27.51 -0.81
C GLY C 402 -24.90 26.24 -0.66
N ILE C 403 -24.30 25.23 -0.03
CA ILE C 403 -24.94 23.92 0.07
C ILE C 403 -26.16 23.97 0.99
N SER C 404 -26.09 24.79 2.04
CA SER C 404 -27.18 24.85 3.01
C SER C 404 -27.13 26.20 3.71
N LEU C 405 -28.04 27.10 3.34
CA LEU C 405 -28.14 28.43 3.94
C LEU C 405 -29.58 28.63 4.39
N PRO C 406 -29.97 28.03 5.51
CA PRO C 406 -31.36 28.09 5.94
C PRO C 406 -31.76 29.51 6.36
N VAL C 407 -33.04 29.81 6.17
CA VAL C 407 -33.63 31.08 6.57
C VAL C 407 -34.76 30.79 7.53
N GLU C 408 -34.78 31.52 8.65
CA GLU C 408 -35.76 31.30 9.71
C GLU C 408 -35.70 29.85 10.18
N SER C 409 -36.66 29.03 9.72
CA SER C 409 -36.69 27.62 10.06
C SER C 409 -37.02 26.76 8.85
N LYS C 410 -36.79 27.26 7.64
CA LYS C 410 -37.10 26.54 6.43
C LYS C 410 -35.87 25.78 5.96
N LEU C 411 -36.00 24.47 5.84
CA LEU C 411 -34.90 23.67 5.30
C LEU C 411 -34.77 23.89 3.81
N ASP C 412 -33.53 23.79 3.32
CA ASP C 412 -33.25 24.02 1.91
C ASP C 412 -31.88 23.43 1.59
N GLY C 413 -31.58 23.37 0.29
CA GLY C 413 -30.31 22.82 -0.13
C GLY C 413 -30.25 21.32 0.10
N ILE C 414 -29.08 20.84 0.55
CA ILE C 414 -28.89 19.42 0.80
C ILE C 414 -29.81 18.93 1.91
N ALA C 415 -30.29 19.82 2.77
CA ALA C 415 -31.09 19.42 3.91
C ALA C 415 -32.45 18.84 3.51
N LEU C 416 -32.91 19.08 2.29
CA LEU C 416 -34.16 18.51 1.85
C LEU C 416 -34.05 17.04 1.49
N CYS C 417 -32.83 16.54 1.23
CA CYS C 417 -32.62 15.13 0.90
C CYS C 417 -32.68 14.33 2.20
N GLN C 418 -33.90 14.06 2.64
CA GLN C 418 -34.11 13.36 3.90
C GLN C 418 -33.76 11.89 3.82
N GLY C 419 -33.65 11.33 2.63
CA GLY C 419 -33.33 9.94 2.48
C GLY C 419 -31.86 9.59 2.49
N LEU C 420 -30.98 10.55 2.75
CA LEU C 420 -29.55 10.29 2.73
C LEU C 420 -29.15 9.41 3.90
N GLU C 421 -28.24 8.48 3.63
CA GLU C 421 -27.63 7.66 4.66
C GLU C 421 -26.22 8.10 5.00
N SER C 422 -25.46 8.59 4.02
CA SER C 422 -24.11 9.10 4.24
C SER C 422 -23.92 10.39 3.47
N LEU C 423 -23.34 11.39 4.13
CA LEU C 423 -23.08 12.70 3.53
C LEU C 423 -21.65 13.10 3.80
N SER C 424 -20.91 13.43 2.75
CA SER C 424 -19.52 13.85 2.86
C SER C 424 -19.37 15.21 2.21
N ILE C 425 -18.76 16.15 2.94
CA ILE C 425 -18.71 17.56 2.57
C ILE C 425 -17.27 18.04 2.63
N ARG C 426 -16.83 18.76 1.60
CA ARG C 426 -15.47 19.27 1.59
C ARG C 426 -15.44 20.71 1.10
N ASN C 427 -14.85 21.60 1.91
CA ASN C 427 -14.51 22.97 1.52
C ASN C 427 -15.76 23.75 1.09
N VAL C 428 -16.64 23.97 2.06
CA VAL C 428 -17.80 24.83 1.87
C VAL C 428 -17.54 26.13 2.63
N ASP C 429 -17.42 27.23 1.88
CA ASP C 429 -17.16 28.52 2.49
C ASP C 429 -18.42 29.12 3.12
N ASP C 430 -19.59 28.78 2.61
CA ASP C 430 -20.84 29.37 3.06
C ASP C 430 -21.43 28.68 4.28
N LEU C 431 -20.85 27.58 4.73
CA LEU C 431 -21.45 26.79 5.80
C LEU C 431 -21.24 27.45 7.14
N THR C 432 -22.33 27.61 7.89
CA THR C 432 -22.29 28.11 9.26
C THR C 432 -22.84 27.03 10.18
N ASP C 433 -22.99 27.36 11.45
CA ASP C 433 -23.58 26.43 12.40
C ASP C 433 -25.03 26.14 12.03
N MET C 434 -25.76 27.15 11.55
CA MET C 434 -27.15 26.95 11.16
C MET C 434 -27.27 25.95 10.02
N GLY C 435 -26.32 25.98 9.08
CA GLY C 435 -26.33 24.98 8.02
C GLY C 435 -26.16 23.58 8.55
N LEU C 436 -25.24 23.40 9.50
CA LEU C 436 -25.08 22.08 10.12
C LEU C 436 -26.35 21.64 10.83
N ILE C 437 -27.00 22.56 11.54
CA ILE C 437 -28.23 22.20 12.23
C ILE C 437 -29.31 21.81 11.23
N ALA C 438 -29.43 22.56 10.14
CA ALA C 438 -30.42 22.26 9.12
C ALA C 438 -30.17 20.88 8.52
N ILE C 439 -28.91 20.55 8.27
CA ILE C 439 -28.59 19.22 7.75
C ILE C 439 -28.99 18.15 8.77
N GLY C 440 -28.70 18.39 10.05
CA GLY C 440 -29.06 17.42 11.07
C GLY C 440 -30.56 17.22 11.19
N ARG C 441 -31.32 18.29 11.05
CA ARG C 441 -32.78 18.19 11.19
C ARG C 441 -33.42 17.61 9.94
N GLY C 442 -32.88 17.91 8.76
CA GLY C 442 -33.46 17.42 7.52
C GLY C 442 -32.99 16.04 7.13
N CYS C 443 -31.68 15.79 7.22
CA CYS C 443 -31.11 14.49 6.90
C CYS C 443 -31.07 13.62 8.16
N TYR C 444 -32.26 13.36 8.69
CA TYR C 444 -32.36 12.72 10.00
C TYR C 444 -32.01 11.23 9.97
N ARG C 445 -31.89 10.63 8.79
CA ARG C 445 -31.50 9.23 8.69
C ARG C 445 -29.99 9.07 8.50
N LEU C 446 -29.23 10.15 8.69
CA LEU C 446 -27.81 10.14 8.39
C LEU C 446 -27.05 9.25 9.36
N ALA C 447 -26.39 8.23 8.83
CA ALA C 447 -25.59 7.32 9.65
C ALA C 447 -24.09 7.49 9.45
N LYS C 448 -23.67 8.41 8.58
CA LYS C 448 -22.25 8.63 8.31
C LYS C 448 -22.08 10.05 7.80
N PHE C 449 -21.41 10.89 8.58
CA PHE C 449 -21.20 12.28 8.21
C PHE C 449 -19.71 12.56 8.12
N GLU C 450 -19.34 13.42 7.18
CA GLU C 450 -17.93 13.81 7.02
C GLU C 450 -17.87 15.24 6.55
N VAL C 451 -17.15 16.08 7.30
CA VAL C 451 -16.98 17.48 6.94
C VAL C 451 -15.49 17.77 6.86
N TYR C 452 -15.06 18.41 5.78
CA TYR C 452 -13.66 18.73 5.56
C TYR C 452 -13.53 20.21 5.25
N GLY C 453 -12.67 20.88 6.00
CA GLY C 453 -12.25 22.24 5.66
C GLY C 453 -13.32 23.29 5.64
N CYS C 454 -14.21 23.29 6.63
CA CYS C 454 -15.20 24.35 6.79
C CYS C 454 -14.74 25.24 7.94
N LYS C 455 -14.52 26.51 7.64
CA LYS C 455 -13.82 27.43 8.55
C LYS C 455 -14.74 28.14 9.51
N LYS C 456 -16.05 27.95 9.42
CA LYS C 456 -16.99 28.71 10.25
C LYS C 456 -17.72 27.88 11.28
N ILE C 457 -17.93 26.59 11.01
CA ILE C 457 -18.63 25.73 11.97
C ILE C 457 -17.77 25.55 13.21
N THR C 458 -18.40 25.63 14.38
CA THR C 458 -17.70 25.51 15.65
C THR C 458 -18.28 24.37 16.46
N VAL C 459 -17.84 24.26 17.71
CA VAL C 459 -18.21 23.11 18.54
C VAL C 459 -19.71 23.09 18.82
N ARG C 460 -20.33 24.26 18.94
CA ARG C 460 -21.76 24.30 19.25
C ARG C 460 -22.58 23.68 18.14
N GLY C 461 -22.33 24.09 16.89
CA GLY C 461 -23.08 23.54 15.78
C GLY C 461 -22.86 22.05 15.62
N MET C 462 -21.61 21.60 15.72
CA MET C 462 -21.32 20.17 15.56
C MET C 462 -21.95 19.36 16.68
N ARG C 463 -21.87 19.83 17.92
CA ARG C 463 -22.47 19.11 19.03
C ARG C 463 -23.98 19.03 18.88
N THR C 464 -24.62 20.13 18.47
CA THR C 464 -26.06 20.11 18.29
C THR C 464 -26.46 19.17 17.16
N MET C 465 -25.73 19.18 16.05
CA MET C 465 -26.04 18.27 14.96
C MET C 465 -25.85 16.82 15.37
N ALA C 466 -24.82 16.54 16.18
CA ALA C 466 -24.61 15.19 16.66
C ALA C 466 -25.74 14.75 17.58
N SER C 467 -26.22 15.66 18.43
CA SER C 467 -27.34 15.33 19.32
C SER C 467 -28.61 15.10 18.53
N LEU C 468 -28.81 15.84 17.43
CA LEU C 468 -29.98 15.61 16.59
C LEU C 468 -29.94 14.23 15.95
N LEU C 469 -28.77 13.80 15.48
CA LEU C 469 -28.61 12.51 14.81
C LEU C 469 -28.13 11.43 15.77
N ARG C 470 -28.40 11.58 17.06
CA ARG C 470 -27.82 10.70 18.07
C ARG C 470 -28.33 9.28 17.98
N LYS C 471 -29.38 9.02 17.19
CA LYS C 471 -29.91 7.68 17.05
C LYS C 471 -29.26 6.88 15.93
N THR C 472 -28.66 7.54 14.94
CA THR C 472 -28.19 6.87 13.74
C THR C 472 -26.72 7.09 13.42
N LEU C 473 -26.11 8.18 13.87
CA LEU C 473 -24.76 8.53 13.46
C LEU C 473 -23.74 7.65 14.16
N VAL C 474 -22.96 6.90 13.38
CA VAL C 474 -21.97 5.98 13.95
C VAL C 474 -20.64 6.10 13.24
N ASP C 475 -20.56 6.94 12.20
CA ASP C 475 -19.35 7.11 11.42
C ASP C 475 -19.16 8.60 11.16
N VAL C 476 -18.19 9.22 11.84
CA VAL C 476 -17.97 10.66 11.78
C VAL C 476 -16.55 10.93 11.35
N LYS C 477 -16.35 12.06 10.68
CA LYS C 477 -15.01 12.51 10.30
C LYS C 477 -14.99 14.02 10.28
N ILE C 478 -14.11 14.62 11.07
CA ILE C 478 -13.96 16.06 11.17
C ILE C 478 -12.51 16.39 10.88
N ALA C 479 -12.23 16.91 9.69
CA ALA C 479 -10.87 17.12 9.23
C ALA C 479 -10.70 18.54 8.73
N ALA C 480 -9.53 19.12 9.04
CA ALA C 480 -9.09 20.41 8.53
C ALA C 480 -10.03 21.56 8.90
N CYS C 481 -11.01 21.32 9.75
CA CYS C 481 -11.88 22.40 10.20
C CYS C 481 -11.11 23.31 11.15
N LYS C 482 -11.15 24.62 10.88
CA LYS C 482 -10.27 25.56 11.57
C LYS C 482 -10.58 25.64 13.06
N LYS C 483 -11.86 25.73 13.40
CA LYS C 483 -12.27 25.96 14.77
C LYS C 483 -12.54 24.68 15.55
N LEU C 484 -12.31 23.52 14.95
CA LEU C 484 -12.49 22.23 15.63
C LEU C 484 -11.15 21.52 15.64
N GLY C 485 -10.41 21.66 16.73
CA GLY C 485 -9.22 20.87 16.96
C GLY C 485 -9.59 19.49 17.46
N ALA C 486 -8.57 18.79 17.97
CA ALA C 486 -8.82 17.47 18.54
C ALA C 486 -9.77 17.56 19.74
N VAL C 487 -9.49 18.49 20.64
CA VAL C 487 -10.30 18.64 21.84
C VAL C 487 -11.72 19.05 21.49
N GLN C 488 -11.86 20.02 20.57
CA GLN C 488 -13.19 20.48 20.21
C GLN C 488 -13.98 19.40 19.49
N SER C 489 -13.34 18.64 18.61
CA SER C 489 -14.04 17.55 17.93
C SER C 489 -14.49 16.49 18.92
N LEU C 490 -13.63 16.12 19.86
CA LEU C 490 -14.02 15.10 20.82
C LEU C 490 -15.11 15.58 21.76
N LYS C 491 -15.12 16.88 22.09
CA LYS C 491 -16.24 17.41 22.88
C LYS C 491 -17.51 17.46 22.05
N ALA C 492 -17.41 17.81 20.77
CA ALA C 492 -18.60 17.92 19.93
C ALA C 492 -19.24 16.57 19.69
N LEU C 493 -18.45 15.49 19.67
CA LEU C 493 -19.01 14.17 19.49
C LEU C 493 -19.46 13.53 20.81
N GLU C 494 -19.69 14.34 21.84
CA GLU C 494 -20.13 13.80 23.12
C GLU C 494 -21.49 13.10 23.05
N PRO C 495 -22.52 13.64 22.40
CA PRO C 495 -23.82 12.95 22.43
C PRO C 495 -23.80 11.55 21.84
N ILE C 496 -22.88 11.26 20.93
CA ILE C 496 -22.80 9.95 20.30
C ILE C 496 -21.59 9.17 20.78
N GLN C 497 -21.05 9.54 21.95
CA GLN C 497 -19.80 8.93 22.40
C GLN C 497 -19.96 7.45 22.70
N ASP C 498 -21.14 7.04 23.16
CA ASP C 498 -21.37 5.63 23.44
C ASP C 498 -21.91 4.86 22.24
N ARG C 499 -22.04 5.50 21.09
CA ARG C 499 -22.58 4.85 19.91
C ARG C 499 -21.71 4.95 18.67
N VAL C 500 -20.77 5.89 18.61
CA VAL C 500 -19.94 6.04 17.42
C VAL C 500 -19.02 4.84 17.27
N GLU C 501 -18.92 4.32 16.05
CA GLU C 501 -18.07 3.17 15.74
C GLU C 501 -16.79 3.54 15.02
N ARG C 502 -16.86 4.43 14.03
CA ARG C 502 -15.68 4.90 13.31
C ARG C 502 -15.54 6.39 13.52
N LEU C 503 -14.31 6.84 13.71
CA LEU C 503 -14.05 8.23 14.04
C LEU C 503 -12.75 8.68 13.38
N HIS C 504 -12.77 9.85 12.77
CA HIS C 504 -11.56 10.51 12.32
C HIS C 504 -11.50 11.92 12.89
N ILE C 505 -10.35 12.28 13.45
CA ILE C 505 -10.09 13.65 13.89
C ILE C 505 -8.68 14.03 13.46
N ASP C 506 -8.43 15.33 13.40
CA ASP C 506 -7.10 15.86 13.15
C ASP C 506 -6.42 16.16 14.47
N CYS C 507 -5.17 15.74 14.59
CA CYS C 507 -4.40 15.94 15.82
C CYS C 507 -3.87 17.37 15.82
N ASP C 508 -4.77 18.31 16.11
CA ASP C 508 -4.47 19.73 16.17
C ASP C 508 -4.54 20.16 17.63
N TRP C 509 -3.37 20.20 18.28
CA TRP C 509 -3.33 20.45 19.71
C TRP C 509 -3.38 21.94 20.06
N ASP C 510 -3.08 22.83 19.11
CA ASP C 510 -2.94 24.24 19.40
C ASP C 510 -4.22 25.03 19.15
N CYS C 511 -5.30 24.38 18.79
CA CYS C 511 -6.54 25.09 18.51
C CYS C 511 -7.06 25.76 19.78
N PRO C 512 -7.31 27.06 19.76
CA PRO C 512 -7.70 27.76 20.98
C PRO C 512 -9.13 27.43 21.40
N ASP C 513 -9.50 27.94 22.58
CA ASP C 513 -10.85 27.83 23.11
C ASP C 513 -11.32 26.39 23.28
N ASP C 564 -19.90 7.11 31.08
CA ASP C 564 -19.95 8.51 30.70
C ASP C 564 -18.94 8.82 29.61
N LYS C 565 -17.67 8.91 30.01
CA LYS C 565 -16.57 9.22 29.11
C LYS C 565 -16.02 7.99 28.40
N THR C 566 -16.81 6.92 28.31
CA THR C 566 -16.37 5.66 27.73
C THR C 566 -16.92 5.55 26.31
N TRP C 567 -16.01 5.43 25.34
CA TRP C 567 -16.38 5.18 23.95
C TRP C 567 -16.71 3.70 23.84
N ALA C 568 -17.98 3.38 24.10
CA ALA C 568 -18.37 1.98 24.30
C ALA C 568 -18.26 1.18 23.02
N ARG C 569 -18.64 1.76 21.88
CA ARG C 569 -18.74 1.01 20.64
C ARG C 569 -17.70 1.43 19.61
N LEU C 570 -16.73 2.24 19.99
CA LEU C 570 -15.71 2.71 19.05
C LEU C 570 -14.74 1.60 18.72
N ARG C 571 -14.59 1.29 17.44
CA ARG C 571 -13.73 0.19 17.00
C ARG C 571 -12.62 0.63 16.06
N TYR C 572 -12.74 1.79 15.43
CA TYR C 572 -11.76 2.26 14.46
C TYR C 572 -11.53 3.75 14.67
N VAL C 573 -10.27 4.15 14.73
CA VAL C 573 -9.90 5.56 14.88
C VAL C 573 -8.92 5.91 13.77
N SER C 574 -9.16 7.04 13.12
CA SER C 574 -8.25 7.56 12.11
C SER C 574 -7.76 8.93 12.55
N LEU C 575 -6.45 9.15 12.43
CA LEU C 575 -5.83 10.39 12.85
C LEU C 575 -5.04 10.98 11.71
N TRP C 576 -5.12 12.29 11.55
CA TRP C 576 -4.23 13.04 10.69
C TRP C 576 -3.43 13.99 11.55
N ILE C 577 -2.11 14.04 11.32
CA ILE C 577 -1.24 14.84 12.16
C ILE C 577 -0.12 15.39 11.29
N PHE C 578 0.30 16.61 11.59
CA PHE C 578 1.38 17.24 10.86
C PHE C 578 2.72 16.64 11.27
N VAL C 579 3.73 16.84 10.43
CA VAL C 579 5.05 16.26 10.68
C VAL C 579 5.70 16.94 11.88
N GLY C 580 6.31 16.14 12.75
CA GLY C 580 6.99 16.66 13.91
C GLY C 580 6.12 16.88 15.12
N GLN C 581 4.81 16.71 15.01
CA GLN C 581 3.89 16.87 16.12
C GLN C 581 3.82 15.58 16.92
N LEU C 582 3.73 15.72 18.24
CA LEU C 582 3.70 14.56 19.12
C LEU C 582 2.29 14.00 19.24
N LEU C 583 2.21 12.70 19.43
CA LEU C 583 0.94 12.02 19.63
C LEU C 583 0.51 11.98 21.08
N THR C 584 1.39 12.37 22.00
CA THR C 584 1.12 12.20 23.42
C THR C 584 -0.15 12.91 23.91
N PRO C 585 -0.50 14.12 23.47
CA PRO C 585 -1.72 14.76 24.00
C PRO C 585 -3.01 14.07 23.58
N LEU C 586 -2.96 12.97 22.84
CA LEU C 586 -4.19 12.35 22.35
C LEU C 586 -5.06 11.84 23.49
N VAL C 587 -4.46 11.22 24.50
CA VAL C 587 -5.23 10.69 25.62
C VAL C 587 -5.84 11.81 26.43
N ALA C 588 -5.08 12.87 26.69
CA ALA C 588 -5.61 14.02 27.40
C ALA C 588 -6.65 14.79 26.59
N ALA C 589 -6.65 14.62 25.26
CA ALA C 589 -7.62 15.32 24.42
C ALA C 589 -9.03 14.80 24.65
N GLY C 590 -9.17 13.53 25.00
CA GLY C 590 -10.48 12.97 25.29
C GLY C 590 -10.66 11.52 24.90
N LEU C 591 -9.74 10.99 24.08
CA LEU C 591 -9.82 9.61 23.64
C LEU C 591 -9.11 8.71 24.65
N ASN C 592 -9.74 8.59 25.81
CA ASN C 592 -9.10 7.99 26.99
C ASN C 592 -9.48 6.53 27.20
N ASP C 593 -10.76 6.24 27.34
CA ASP C 593 -11.23 4.88 27.63
C ASP C 593 -11.95 4.34 26.40
N CYS C 594 -11.25 3.51 25.64
CA CYS C 594 -11.76 2.95 24.38
C CYS C 594 -11.60 1.44 24.46
N PRO C 595 -12.50 0.75 25.17
CA PRO C 595 -12.31 -0.68 25.39
C PRO C 595 -12.41 -1.54 24.14
N GLU C 596 -12.98 -1.03 23.04
CA GLU C 596 -13.24 -1.84 21.87
C GLU C 596 -12.39 -1.48 20.67
N LEU C 597 -11.44 -0.56 20.83
CA LEU C 597 -10.66 -0.05 19.70
C LEU C 597 -9.69 -1.12 19.22
N GLU C 598 -9.89 -1.60 18.00
CA GLU C 598 -9.06 -2.65 17.42
C GLU C 598 -8.10 -2.16 16.36
N GLU C 599 -8.41 -1.07 15.67
CA GLU C 599 -7.58 -0.59 14.58
C GLU C 599 -7.47 0.92 14.67
N ILE C 600 -6.25 1.44 14.54
CA ILE C 600 -6.02 2.87 14.48
C ILE C 600 -5.16 3.17 13.26
N SER C 601 -5.51 4.22 12.53
CA SER C 601 -4.78 4.66 11.35
C SER C 601 -4.23 6.05 11.61
N ILE C 602 -2.92 6.18 11.52
CA ILE C 602 -2.25 7.47 11.71
C ILE C 602 -1.65 7.86 10.37
N LYS C 603 -1.96 9.07 9.91
CA LYS C 603 -1.40 9.59 8.69
C LYS C 603 -0.62 10.85 9.02
N VAL C 604 0.64 10.90 8.58
CA VAL C 604 1.54 12.01 8.85
C VAL C 604 1.88 12.67 7.52
N GLU C 605 1.72 13.98 7.47
CA GLU C 605 1.99 14.73 6.25
C GLU C 605 2.75 16.01 6.59
N GLY C 606 3.57 16.45 5.66
CA GLY C 606 4.28 17.70 5.80
C GLY C 606 5.67 17.62 5.21
N ASP C 607 6.25 18.80 4.98
CA ASP C 607 7.62 18.92 4.47
C ASP C 607 8.54 19.12 5.65
N CYS C 608 9.37 18.12 5.93
CA CYS C 608 10.26 18.15 7.09
C CYS C 608 11.64 18.71 6.78
N ARG C 609 11.89 19.13 5.53
CA ARG C 609 13.20 19.65 5.18
C ARG C 609 13.50 20.97 5.88
N VAL C 610 12.47 21.74 6.23
CA VAL C 610 12.67 22.98 6.95
C VAL C 610 12.70 22.79 8.46
N LEU C 611 12.17 21.69 8.97
CA LEU C 611 12.09 21.48 10.41
C LEU C 611 13.47 21.20 10.99
N SER C 612 13.63 21.54 12.26
CA SER C 612 14.83 21.20 12.99
C SER C 612 14.63 19.86 13.70
N ARG C 613 15.66 19.42 14.40
CA ARG C 613 15.59 18.17 15.14
C ARG C 613 14.51 18.27 16.21
N PRO C 614 13.67 17.25 16.39
CA PRO C 614 12.65 17.32 17.44
C PRO C 614 13.28 17.38 18.83
N THR C 615 12.67 18.19 19.70
CA THR C 615 13.14 18.26 21.08
C THR C 615 12.87 16.96 21.82
N VAL C 616 11.75 16.32 21.53
CA VAL C 616 11.39 15.04 22.12
C VAL C 616 11.95 13.93 21.24
N ARG C 617 12.42 12.85 21.89
CA ARG C 617 13.08 11.78 21.15
C ARG C 617 12.09 10.95 20.33
N GLU C 618 10.84 10.84 20.77
CA GLU C 618 9.90 9.87 20.21
C GLU C 618 8.60 10.55 19.82
N PHE C 619 7.92 9.95 18.82
CA PHE C 619 6.62 10.44 18.40
C PHE C 619 5.56 10.17 19.45
N GLY C 620 5.62 9.01 20.11
CA GLY C 620 4.68 8.69 21.15
C GLY C 620 3.76 7.53 20.84
N LEU C 621 4.24 6.54 20.08
CA LEU C 621 3.41 5.36 19.83
C LEU C 621 3.10 4.58 21.11
N THR C 622 3.93 4.73 22.14
CA THR C 622 3.65 4.08 23.42
C THR C 622 2.40 4.64 24.09
N THR C 623 1.88 5.78 23.62
CA THR C 623 0.62 6.30 24.13
C THR C 623 -0.55 5.39 23.79
N LEU C 624 -0.37 4.47 22.85
CA LEU C 624 -1.42 3.56 22.42
C LEU C 624 -1.51 2.32 23.30
N LEU C 625 -0.66 2.20 24.32
CA LEU C 625 -0.86 1.16 25.33
C LEU C 625 -2.11 1.42 26.16
N ASN C 626 -2.66 2.64 26.08
CA ASN C 626 -3.89 2.97 26.80
C ASN C 626 -5.08 2.16 26.30
N TYR C 627 -5.00 1.57 25.11
CA TYR C 627 -6.10 0.82 24.52
C TYR C 627 -5.78 -0.66 24.50
N PRO C 628 -6.51 -1.48 25.25
CA PRO C 628 -6.11 -2.89 25.40
C PRO C 628 -6.34 -3.74 24.16
N LYS C 629 -7.36 -3.45 23.36
CA LYS C 629 -7.70 -4.30 22.23
C LYS C 629 -7.02 -3.90 20.93
N LEU C 630 -6.20 -2.85 20.94
CA LEU C 630 -5.57 -2.38 19.71
C LEU C 630 -4.61 -3.42 19.18
N SER C 631 -4.89 -3.93 17.98
CA SER C 631 -4.07 -4.97 17.38
C SER C 631 -3.71 -4.73 15.92
N ARG C 632 -4.43 -3.88 15.20
CA ARG C 632 -4.12 -3.56 13.82
C ARG C 632 -3.80 -2.07 13.71
N MET C 633 -2.78 -1.74 12.92
CA MET C 633 -2.36 -0.36 12.81
C MET C 633 -1.89 -0.07 11.39
N HIS C 634 -2.20 1.13 10.91
CA HIS C 634 -1.65 1.67 9.66
C HIS C 634 -0.89 2.92 10.01
N LEU C 635 0.40 2.94 9.71
CA LEU C 635 1.23 4.12 9.90
C LEU C 635 1.65 4.61 8.53
N ASP C 636 1.00 5.67 8.06
CA ASP C 636 1.16 6.19 6.71
C ASP C 636 1.99 7.47 6.78
N CYS C 637 3.30 7.32 6.61
CA CYS C 637 4.22 8.45 6.58
C CYS C 637 4.66 8.78 5.17
N GLY C 638 3.98 8.26 4.15
CA GLY C 638 4.44 8.40 2.78
C GLY C 638 4.41 9.81 2.25
N ASP C 639 3.66 10.71 2.88
CA ASP C 639 3.56 12.09 2.45
C ASP C 639 4.47 13.02 3.22
N ILE C 640 5.48 12.47 3.89
CA ILE C 640 6.54 13.26 4.50
C ILE C 640 7.67 13.40 3.47
N ASN C 641 8.01 14.64 3.15
CA ASN C 641 9.07 14.93 2.20
C ASN C 641 10.32 15.35 2.95
N GLY C 642 11.43 14.71 2.65
CA GLY C 642 12.70 15.00 3.32
C GLY C 642 13.87 14.68 2.43
N TYR C 643 14.99 14.34 3.06
CA TYR C 643 16.20 13.92 2.37
C TYR C 643 16.47 12.46 2.69
N ALA C 644 16.65 11.64 1.66
CA ALA C 644 16.76 10.21 1.86
C ALA C 644 18.17 9.80 2.28
N HIS C 645 19.15 10.02 1.40
CA HIS C 645 20.51 9.57 1.68
C HIS C 645 21.53 10.70 1.74
N THR C 646 21.14 11.95 1.45
CA THR C 646 22.11 13.05 1.44
C THR C 646 21.39 14.31 1.90
N ALA C 647 21.57 14.67 3.17
CA ALA C 647 21.09 15.99 3.56
C ALA C 647 22.17 17.03 3.25
N PRO C 648 21.79 18.23 2.81
CA PRO C 648 22.82 19.21 2.40
C PRO C 648 23.80 19.59 3.48
N SER C 649 23.32 20.22 4.56
CA SER C 649 24.20 20.69 5.62
C SER C 649 23.38 21.17 6.80
N GLY C 650 23.69 20.69 8.00
CA GLY C 650 22.86 21.04 9.15
C GLY C 650 21.45 20.51 9.06
N GLN C 651 21.17 19.61 8.14
CA GLN C 651 19.85 19.00 7.98
C GLN C 651 19.91 17.55 8.41
N MET C 652 18.74 17.00 8.70
CA MET C 652 18.62 15.62 9.14
C MET C 652 17.89 14.82 8.06
N ASP C 653 18.38 13.61 7.79
CA ASP C 653 17.77 12.80 6.76
C ASP C 653 16.58 12.02 7.32
N LEU C 654 15.93 11.25 6.44
CA LEU C 654 14.66 10.62 6.78
C LEU C 654 14.81 9.48 7.77
N SER C 655 16.01 8.97 7.99
CA SER C 655 16.19 7.90 8.97
C SER C 655 15.91 8.41 10.38
N LEU C 656 16.30 9.65 10.66
CA LEU C 656 15.99 10.26 11.95
C LEU C 656 14.48 10.33 12.17
N TRP C 657 13.73 10.71 11.13
CA TRP C 657 12.28 10.80 11.27
C TRP C 657 11.63 9.43 11.37
N GLU C 658 12.16 8.44 10.65
CA GLU C 658 11.63 7.08 10.79
C GLU C 658 11.84 6.57 12.21
N ARG C 659 13.03 6.79 12.78
CA ARG C 659 13.24 6.44 14.18
C ARG C 659 12.30 7.20 15.09
N PHE C 660 12.09 8.48 14.83
CA PHE C 660 11.22 9.30 15.66
C PHE C 660 9.80 8.75 15.66
N TYR C 661 9.30 8.34 14.50
CA TYR C 661 7.92 7.88 14.38
C TYR C 661 7.74 6.40 14.69
N LEU C 662 8.81 5.64 14.85
CA LEU C 662 8.66 4.22 15.13
C LEU C 662 9.18 3.78 16.48
N ILE C 663 9.73 4.68 17.29
CA ILE C 663 10.18 4.29 18.63
C ILE C 663 8.99 3.88 19.46
N GLY C 664 9.10 2.72 20.10
CA GLY C 664 8.04 2.22 20.95
C GLY C 664 7.01 1.36 20.27
N VAL C 665 7.11 1.17 18.96
CA VAL C 665 6.14 0.34 18.24
C VAL C 665 6.20 -1.11 18.69
N GLY C 666 7.33 -1.55 19.25
CA GLY C 666 7.44 -2.92 19.71
C GLY C 666 6.68 -3.20 20.98
N HIS C 667 6.31 -2.17 21.74
CA HIS C 667 5.58 -2.38 22.97
C HIS C 667 4.13 -2.73 22.71
N LEU C 668 3.56 -2.25 21.61
CA LEU C 668 2.18 -2.57 21.27
C LEU C 668 2.06 -4.04 20.88
N GLY C 669 0.90 -4.61 21.12
CA GLY C 669 0.67 -5.99 20.74
C GLY C 669 0.08 -6.14 19.36
N LEU C 670 0.64 -5.42 18.38
CA LEU C 670 0.07 -5.41 17.04
C LEU C 670 0.22 -6.76 16.38
N THR C 671 -0.84 -7.20 15.71
CA THR C 671 -0.77 -8.38 14.86
C THR C 671 -0.66 -8.05 13.39
N GLU C 672 -1.04 -6.84 12.98
CA GLU C 672 -0.94 -6.41 11.61
C GLU C 672 -0.44 -4.97 11.56
N LEU C 673 0.43 -4.70 10.58
CA LEU C 673 0.99 -3.36 10.44
C LEU C 673 1.22 -3.05 8.98
N ASN C 674 0.62 -1.97 8.50
CA ASN C 674 0.93 -1.37 7.21
C ASN C 674 1.75 -0.12 7.49
N TYR C 675 2.97 -0.08 6.95
CA TYR C 675 3.86 1.05 7.15
C TYR C 675 4.22 1.66 5.81
N TRP C 676 4.12 2.99 5.73
CA TRP C 676 4.47 3.73 4.52
C TRP C 676 5.70 4.58 4.82
N PRO C 677 6.89 4.22 4.32
CA PRO C 677 8.07 5.01 4.62
C PRO C 677 7.99 6.38 3.99
N PRO C 678 8.58 7.39 4.61
CA PRO C 678 8.59 8.73 4.00
C PRO C 678 9.48 8.78 2.78
N GLN C 679 9.21 9.76 1.92
CA GLN C 679 9.86 9.84 0.62
C GLN C 679 10.70 11.10 0.50
N ASP C 680 11.73 11.01 -0.34
CA ASP C 680 12.42 12.17 -0.88
C ASP C 680 11.89 12.37 -2.29
N ARG C 681 11.11 13.43 -2.50
CA ARG C 681 10.39 13.59 -3.76
C ARG C 681 11.33 13.77 -4.93
N ASP C 682 12.43 14.50 -4.73
CA ASP C 682 13.35 14.79 -5.83
C ASP C 682 13.96 13.52 -6.39
N VAL C 683 14.41 12.61 -5.51
CA VAL C 683 15.01 11.37 -5.96
C VAL C 683 13.97 10.31 -6.26
N ASN C 684 12.74 10.46 -5.75
CA ASN C 684 11.67 9.49 -5.92
C ASN C 684 12.08 8.12 -5.35
N GLN C 685 12.27 8.10 -4.04
CA GLN C 685 12.56 6.85 -3.34
C GLN C 685 11.95 6.89 -1.96
N ARG C 686 11.48 5.73 -1.51
CA ARG C 686 10.82 5.53 -0.21
C ARG C 686 11.46 4.39 0.53
N SER C 687 12.79 4.40 0.62
CA SER C 687 13.52 3.29 1.20
C SER C 687 13.25 3.16 2.69
N LEU C 688 13.16 1.92 3.17
CA LEU C 688 13.23 1.65 4.58
C LEU C 688 14.65 1.83 5.08
N SER C 689 14.81 2.40 6.26
CA SER C 689 16.12 2.68 6.83
C SER C 689 16.42 1.73 7.98
N LEU C 690 17.65 1.81 8.48
CA LEU C 690 18.09 0.93 9.55
C LEU C 690 17.25 1.05 10.82
N PRO C 691 17.00 2.24 11.37
CA PRO C 691 16.17 2.29 12.58
C PRO C 691 14.77 1.74 12.37
N ALA C 692 14.17 2.00 11.21
CA ALA C 692 12.82 1.53 10.96
C ALA C 692 12.77 0.01 10.97
N ALA C 693 13.68 -0.64 10.25
CA ALA C 693 13.71 -2.09 10.24
C ALA C 693 14.02 -2.65 11.62
N GLY C 694 14.95 -2.03 12.34
CA GLY C 694 15.29 -2.50 13.67
C GLY C 694 14.13 -2.41 14.63
N LEU C 695 13.35 -1.34 14.55
CA LEU C 695 12.19 -1.18 15.43
C LEU C 695 11.03 -2.08 15.01
N LEU C 696 10.86 -2.32 13.71
CA LEU C 696 9.82 -3.27 13.30
C LEU C 696 10.19 -4.69 13.68
N GLN C 697 11.47 -4.97 13.81
CA GLN C 697 11.91 -6.30 14.24
C GLN C 697 11.43 -6.61 15.66
N GLU C 698 11.33 -5.60 16.51
CA GLU C 698 10.92 -5.81 17.90
C GLU C 698 9.45 -6.15 18.04
N CYS C 699 8.65 -6.01 16.99
CA CYS C 699 7.23 -6.35 17.04
C CYS C 699 7.11 -7.86 16.97
N ASN C 700 7.16 -8.50 18.14
CA ASN C 700 7.24 -9.96 18.19
C ASN C 700 5.93 -10.64 17.87
N ARG C 701 4.81 -9.94 17.91
CA ARG C 701 3.50 -10.53 17.71
C ARG C 701 2.93 -10.26 16.33
N LEU C 702 3.73 -9.75 15.40
CA LEU C 702 3.22 -9.43 14.07
C LEU C 702 2.90 -10.71 13.30
N ARG C 703 1.69 -10.76 12.75
CA ARG C 703 1.27 -11.79 11.83
C ARG C 703 1.37 -11.35 10.39
N LYS C 704 1.07 -10.07 10.12
CA LYS C 704 1.13 -9.48 8.79
C LYS C 704 1.95 -8.21 8.87
N LEU C 705 2.79 -8.00 7.87
CA LEU C 705 3.64 -6.81 7.80
C LEU C 705 3.78 -6.41 6.34
N PHE C 706 3.18 -5.30 5.97
CA PHE C 706 3.27 -4.79 4.61
C PHE C 706 3.90 -3.41 4.63
N ILE C 707 4.96 -3.24 3.86
CA ILE C 707 5.71 -2.00 3.78
C ILE C 707 5.51 -1.43 2.38
N HIS C 708 4.94 -0.24 2.31
CA HIS C 708 4.65 0.38 1.01
C HIS C 708 5.82 1.27 0.60
N GLY C 709 6.90 0.59 0.25
CA GLY C 709 8.11 1.23 -0.19
C GLY C 709 9.10 0.19 -0.68
N THR C 710 10.39 0.46 -0.49
CA THR C 710 11.44 -0.45 -0.89
C THR C 710 12.33 -0.74 0.31
N ALA C 711 12.98 -1.89 0.27
CA ALA C 711 13.92 -2.28 1.32
C ALA C 711 14.87 -3.30 0.73
N HIS C 712 16.16 -3.13 0.97
CA HIS C 712 17.12 -4.05 0.41
C HIS C 712 17.23 -5.29 1.28
N GLU C 713 18.03 -6.27 0.81
CA GLU C 713 18.00 -7.61 1.39
C GLU C 713 18.43 -7.61 2.85
N HIS C 714 19.43 -6.82 3.19
CA HIS C 714 19.96 -6.82 4.55
C HIS C 714 18.90 -6.41 5.56
N PHE C 715 18.12 -5.38 5.24
CA PHE C 715 17.08 -4.93 6.16
C PHE C 715 15.85 -5.84 6.13
N MET C 716 15.52 -6.41 4.98
CA MET C 716 14.40 -7.34 4.92
C MET C 716 14.67 -8.58 5.75
N MET C 717 15.92 -9.04 5.78
CA MET C 717 16.25 -10.23 6.56
C MET C 717 16.14 -10.00 8.07
N PHE C 718 16.01 -8.75 8.52
CA PHE C 718 15.75 -8.51 9.94
C PHE C 718 14.44 -9.15 10.37
N PHE C 719 13.46 -9.20 9.48
CA PHE C 719 12.12 -9.62 9.85
C PHE C 719 12.02 -11.11 10.13
N LEU C 720 13.07 -11.87 9.85
CA LEU C 720 13.07 -13.30 10.18
C LEU C 720 13.11 -13.54 11.67
N ARG C 721 13.52 -12.55 12.47
CA ARG C 721 13.50 -12.69 13.92
C ARG C 721 12.09 -12.73 14.48
N ILE C 722 11.09 -12.32 13.72
CA ILE C 722 9.69 -12.36 14.16
C ILE C 722 9.19 -13.78 14.00
N GLU C 723 8.76 -14.39 15.11
CA GLU C 723 8.50 -15.82 15.11
C GLU C 723 7.21 -16.16 14.37
N GLY C 724 6.15 -15.39 14.59
CA GLY C 724 4.85 -15.68 14.04
C GLY C 724 4.52 -14.97 12.74
N LEU C 725 5.50 -14.39 12.07
CA LEU C 725 5.25 -13.62 10.85
C LEU C 725 4.91 -14.57 9.70
N ARG C 726 3.81 -14.29 9.01
CA ARG C 726 3.40 -15.08 7.86
C ARG C 726 3.34 -14.28 6.57
N ASP C 727 2.61 -13.17 6.54
CA ASP C 727 2.42 -12.36 5.34
C ASP C 727 3.34 -11.15 5.42
N VAL C 728 4.40 -11.15 4.63
CA VAL C 728 5.33 -10.03 4.52
C VAL C 728 5.49 -9.70 3.05
N GLN C 729 5.36 -8.42 2.71
CA GLN C 729 5.56 -8.04 1.32
C GLN C 729 5.94 -6.56 1.26
N LEU C 730 6.73 -6.23 0.25
CA LEU C 730 7.04 -4.84 -0.10
C LEU C 730 6.15 -4.45 -1.27
N ARG C 731 5.17 -3.60 -1.01
CA ARG C 731 4.16 -3.24 -2.00
C ARG C 731 4.31 -1.77 -2.36
N ALA C 732 5.01 -1.52 -3.47
CA ALA C 732 5.20 -0.15 -3.95
C ALA C 732 3.98 0.31 -4.77
N ASP C 733 2.82 0.29 -4.12
CA ASP C 733 1.56 0.65 -4.77
C ASP C 733 1.38 2.17 -4.77
N TYR C 734 2.34 2.85 -5.37
CA TYR C 734 2.32 4.28 -5.53
C TYR C 734 2.86 4.61 -6.92
N TYR C 735 2.52 5.79 -7.42
CA TYR C 735 2.99 6.14 -8.75
C TYR C 735 4.07 7.20 -8.66
N PRO C 736 5.16 7.05 -9.41
CA PRO C 736 5.54 5.87 -10.20
C PRO C 736 6.24 4.81 -9.35
N ALA C 737 6.15 3.55 -9.74
CA ALA C 737 6.78 2.44 -9.03
C ALA C 737 8.20 2.21 -9.54
N PRO C 738 9.06 1.59 -8.74
CA PRO C 738 10.42 1.30 -9.20
C PRO C 738 10.41 0.47 -10.47
N GLU C 739 11.02 1.03 -11.52
CA GLU C 739 10.86 0.45 -12.85
C GLU C 739 11.63 -0.85 -13.02
N ASN C 740 12.88 -0.89 -12.55
CA ASN C 740 13.72 -2.05 -12.75
C ASN C 740 14.56 -2.25 -11.50
N ASP C 741 15.55 -3.15 -11.59
CA ASP C 741 16.42 -3.41 -10.46
C ASP C 741 17.53 -2.38 -10.32
N MET C 742 17.78 -1.58 -11.34
CA MET C 742 18.82 -0.56 -11.29
C MET C 742 18.29 0.80 -10.88
N SER C 743 17.00 0.91 -10.56
CA SER C 743 16.42 2.18 -10.14
C SER C 743 16.19 2.28 -8.64
N THR C 744 16.18 1.14 -7.93
CA THR C 744 15.99 1.12 -6.49
C THR C 744 16.94 0.08 -5.92
N GLU C 745 16.79 -0.19 -4.62
CA GLU C 745 17.58 -1.22 -3.97
C GLU C 745 16.89 -2.57 -3.94
N MET C 746 15.66 -2.67 -4.44
CA MET C 746 14.96 -3.94 -4.46
C MET C 746 15.51 -4.84 -5.55
N ARG C 747 15.62 -6.13 -5.23
CA ARG C 747 16.11 -7.14 -6.16
C ARG C 747 15.18 -8.35 -6.13
N ALA C 748 15.00 -8.97 -7.30
CA ALA C 748 14.15 -10.16 -7.37
C ALA C 748 14.77 -11.33 -6.61
N ASP C 749 16.08 -11.50 -6.71
CA ASP C 749 16.76 -12.58 -5.98
C ASP C 749 16.62 -12.38 -4.48
N SER C 750 16.70 -11.13 -4.01
CA SER C 750 16.54 -10.87 -2.59
C SER C 750 15.16 -11.26 -2.11
N CYS C 751 14.13 -10.94 -2.90
CA CYS C 751 12.76 -11.33 -2.53
C CYS C 751 12.61 -12.83 -2.49
N SER C 752 13.14 -13.52 -3.50
CA SER C 752 13.01 -14.98 -3.55
C SER C 752 13.73 -15.63 -2.36
N ARG C 753 14.94 -15.16 -2.05
CA ARG C 753 15.66 -15.73 -0.92
C ARG C 753 14.96 -15.44 0.39
N PHE C 754 14.44 -14.22 0.57
CA PHE C 754 13.73 -13.89 1.79
C PHE C 754 12.49 -14.77 1.96
N GLU C 755 11.73 -14.97 0.88
CA GLU C 755 10.52 -15.77 0.99
C GLU C 755 10.85 -17.24 1.22
N VAL C 756 11.90 -17.74 0.57
CA VAL C 756 12.32 -19.12 0.80
C VAL C 756 12.70 -19.31 2.26
N ALA C 757 13.46 -18.38 2.82
CA ALA C 757 13.88 -18.51 4.21
C ALA C 757 12.70 -18.34 5.17
N LEU C 758 11.77 -17.45 4.85
CA LEU C 758 10.63 -17.21 5.73
C LEU C 758 9.70 -18.42 5.77
N ASN C 759 9.40 -19.01 4.62
CA ASN C 759 8.55 -20.19 4.58
C ASN C 759 9.31 -21.47 4.92
N ARG C 760 10.49 -21.36 5.49
CA ARG C 760 11.32 -22.52 5.83
C ARG C 760 11.41 -22.73 7.34
N ARG C 761 10.97 -21.75 8.14
CA ARG C 761 11.07 -21.85 9.59
C ARG C 761 10.01 -22.82 10.07
N GLN C 762 10.44 -24.02 10.46
CA GLN C 762 9.53 -25.03 10.99
C GLN C 762 10.01 -25.53 12.34
C13 GR2 D . 30.90 7.46 0.79
C14 GR2 D . 31.27 7.19 2.23
C15 GR2 D . 32.15 6.05 2.24
C16 GR2 D . 32.38 5.65 0.83
C17 GR2 D . 32.98 5.58 3.42
O4 GR2 D . 33.21 4.90 0.44
O5 GR2 D . 31.44 6.33 0.02
#